data_8U8E
#
_entry.id   8U8E
#
_cell.length_a   1.00
_cell.length_b   1.00
_cell.length_c   1.00
_cell.angle_alpha   90.00
_cell.angle_beta   90.00
_cell.angle_gamma   90.00
#
_symmetry.space_group_name_H-M   'P 1'
#
loop_
_entity.id
_entity.type
_entity.pdbx_description
1 polymer 'Nuclear mRNA export factor'
2 polymer 'THP1 isoform 1'
3 polymer '26S proteasome complex subunit SEM1'
4 polymer 'RNA helicase'
#
loop_
_entity_poly.entity_id
_entity_poly.type
_entity_poly.pdbx_seq_one_letter_code
_entity_poly.pdbx_strand_id
1 'polypeptide(L)'
;GAMGSKSQQPLQNLSHSPSYTENKPDKKKKYMINDAKTIQLVGPLISSPDNLGFQKRSHKARELPRFLINQEPQLEKRAF
VQDPWDKANQEKMISLEESIDDLNELYETLKKMRNTERSIMEEKGLVDKADSAKDLYDAIVFQGTCLDMCPTFERSRRNV
EYTVYSYEKNQPNDKKASRTKALKVFARPAAAAAPPLPSDVRPPHILVKTLDYIVDNLLTTLPESEGFLWDRMRSIRQDF
TYQNYSGPEAVDCNERIVRIHLLILHIMVKSNVEFSLQQELEQLHKSLITLSEIYDDVRSSGGTCPNEAEFRAYALLSKI
RDPQYDENIQRLPKHIFQDKLVQMALCFRRVISNSAYTERGFVKTENCLNFYARFFQLMQSPSLPLLMGFFLQMHLTDIR
FYALRALSHTLNKKHKPIPFIYLENMLLFNNRQEIIEFCNYYSIEIINGDAADLKTLQHYSHKLSETQPLKKTYLTCLER
RLQKTTYKGLINGGEDN
;
A
2 'polypeptide(L)'
;MDMANQLLDELAHGNFSHLTLNLSQNGREIAILQKQLTGFDDKQLETFVEQHPAMPNDTRFKIMCTSFLNYARDVDPWSA
WSSSDLIFEFYQCLINCLINDNAPHIEMLIPVATRETEFIINLAGKLDSFHLQLHTRSHQFLSHISSILSRLFNSIKPPR
GNASSTNIPGKQRILLYLVNKLNNIYFRIESPQLCSNIFKNFQPKSMLAHFNEYQLDQQIEYRYLLGRYYLLNSQVHNAF
VQFNEAFQSLLNLPLTNQAITRNGTRILNYMIPTGLILGKMVKWGPLRPFLSQETIDNWSVLYKHVRYGNIQGVSLWLRQ
NERHLCARQLLIVLLEKLPMVTYRNLIKTVIKSWTTEWGQNKLPYSLIERVLQLSIGPTFEDPGAQEITIYNGIHSPKNV
ENVLVTLINLGLLRANCFPQLQLCVVKKTTMIQEIVPPVNERITKMFPAHSHVLW
;
B
3 'polypeptide(L)'
;MSTDVAAAQAQSKIDLTKKKNEEINKKSLEEDDEFEDFPIDTWANGETIKSNAVTQTNIWEENWDDVEVDDDFTNELKAE
LDRYKRENQ
;
C
4 'polypeptide(L)'
;MSHEGEEDLLEYSDNEQEIQIDASKAAEAGETGAATSATEGDNNNNTAAGDKKGSYVGIHSTGFKDFLLKPELSRAIIDC
GFEHPSEVQQHTIPQSIHGTDVLCQAKSGLGKTAVFVLSTLQQL(A1AMM)PVPGEVAVVVICNARELAYQIRNEYLRFS
KYMPDVKTAVFYGGTPISKDAELLKNKDTAPHIVVATPGRLKALVREKYIDLSHVKNFVIDECDKVLEELDMRRDVQEIF
RATPRDKQVMMFSATLSQEIRPICRRFLQNPLEIFVDDEAKLTLHGLQQYYIKLEEREKNRKLAQLLDDLEFNQVIIFVK
STTRANELTKLLNASNFPAITVHGHMKQEERIARYKAFKDFEKRICVSTDVFGRGIDIERINLAINYDLTNEADQYLHRV
GRAGRFGTKGLAISFVSSKEDEEVLAKIQERFDVKIAEFPEEGIDPSTYLNN
;
D
#
# COMPACT_ATOMS: atom_id res chain seq x y z
N LYS A 30 -31.82 4.25 7.03
CA LYS A 30 -31.14 3.68 8.20
C LYS A 30 -30.79 4.79 9.19
N TYR A 31 -30.76 4.44 10.47
CA TYR A 31 -30.50 5.41 11.53
C TYR A 31 -29.40 4.89 12.44
N MET A 32 -29.01 5.71 13.40
CA MET A 32 -28.08 5.27 14.43
C MET A 32 -28.70 4.16 15.26
N ILE A 33 -27.87 3.19 15.64
CA ILE A 33 -28.37 2.08 16.45
C ILE A 33 -28.78 2.60 17.82
N ASN A 34 -29.75 1.91 18.44
CA ASN A 34 -30.28 2.30 19.74
C ASN A 34 -30.50 1.03 20.56
N ASP A 35 -29.48 0.65 21.33
CA ASP A 35 -29.53 -0.53 22.18
C ASP A 35 -29.08 -0.16 23.58
N ALA A 36 -29.77 -0.72 24.58
CA ALA A 36 -29.42 -0.43 25.96
C ALA A 36 -28.01 -0.90 26.30
N LYS A 37 -27.64 -2.09 25.82
CA LYS A 37 -26.32 -2.63 26.12
C LYS A 37 -25.22 -1.74 25.53
N THR A 38 -25.37 -1.35 24.26
CA THR A 38 -24.36 -0.53 23.61
C THR A 38 -24.22 0.82 24.30
N ILE A 39 -25.35 1.45 24.64
CA ILE A 39 -25.32 2.73 25.31
C ILE A 39 -24.63 2.60 26.66
N GLN A 40 -24.96 1.56 27.41
CA GLN A 40 -24.27 1.33 28.68
C GLN A 40 -22.81 0.99 28.46
N LEU A 41 -22.51 0.21 27.41
CA LEU A 41 -21.13 -0.17 27.17
C LEU A 41 -20.27 1.05 26.84
N VAL A 42 -20.77 1.95 26.00
CA VAL A 42 -19.98 3.12 25.62
C VAL A 42 -19.79 4.05 26.81
N GLY A 43 -20.86 4.30 27.56
CA GLY A 43 -20.76 5.11 28.75
C GLY A 43 -21.09 6.57 28.52
N PRO A 44 -21.38 7.28 29.60
CA PRO A 44 -21.80 8.68 29.47
C PRO A 44 -20.66 9.56 29.00
N LEU A 45 -21.04 10.69 28.39
CA LEU A 45 -20.04 11.61 27.87
C LEU A 45 -19.23 12.26 29.00
N ILE A 46 -19.90 12.63 30.09
CA ILE A 46 -19.24 13.24 31.23
C ILE A 46 -19.64 12.47 32.49
N SER A 47 -19.17 12.97 33.64
CA SER A 47 -19.34 12.25 34.89
C SER A 47 -20.82 12.19 35.30
N SER A 48 -21.50 13.33 35.32
CA SER A 48 -22.87 13.41 35.83
C SER A 48 -23.58 14.54 35.13
N PRO A 49 -24.47 14.23 34.18
CA PRO A 49 -25.26 15.30 33.54
C PRO A 49 -26.18 16.03 34.51
N ASP A 50 -26.61 15.36 35.58
CA ASP A 50 -27.56 15.98 36.50
C ASP A 50 -26.95 17.20 37.18
N ASN A 51 -25.69 17.10 37.60
CA ASN A 51 -25.04 18.22 38.28
C ASN A 51 -24.94 19.43 37.36
N LEU A 52 -24.61 19.20 36.09
CA LEU A 52 -24.48 20.31 35.15
C LEU A 52 -25.82 20.96 34.82
N GLY A 53 -26.93 20.32 35.18
CA GLY A 53 -28.24 20.87 34.92
C GLY A 53 -28.99 20.25 33.75
N PHE A 54 -28.39 19.26 33.07
CA PHE A 54 -29.09 18.60 31.99
C PHE A 54 -30.25 17.76 32.52
N GLN A 55 -31.25 17.57 31.67
CA GLN A 55 -32.40 16.72 32.00
C GLN A 55 -32.55 15.66 30.91
N LYS A 56 -32.83 14.44 31.34
CA LYS A 56 -33.01 13.34 30.39
C LYS A 56 -34.15 13.66 29.43
N ARG A 57 -33.92 13.41 28.15
CA ARG A 57 -34.89 13.76 27.14
C ARG A 57 -34.85 12.71 26.03
N SER A 58 -36.03 12.29 25.58
CA SER A 58 -36.09 11.36 24.46
C SER A 58 -35.66 12.07 23.19
N HIS A 59 -34.77 11.45 22.43
CA HIS A 59 -34.23 12.03 21.21
C HIS A 59 -34.50 11.10 20.04
N LYS A 60 -34.88 11.69 18.91
CA LYS A 60 -35.13 10.90 17.72
C LYS A 60 -33.86 10.19 17.27
N ALA A 61 -34.03 8.96 16.78
CA ALA A 61 -32.90 8.23 16.23
C ALA A 61 -32.53 8.80 14.87
N ARG A 62 -31.57 9.72 14.85
CA ARG A 62 -31.15 10.34 13.62
C ARG A 62 -30.42 9.34 12.72
N GLU A 63 -30.33 9.70 11.45
CA GLU A 63 -29.56 8.90 10.51
C GLU A 63 -28.09 8.92 10.88
N LEU A 64 -27.43 7.78 10.73
CA LEU A 64 -26.00 7.72 10.99
C LEU A 64 -25.26 8.62 9.98
N PRO A 65 -24.14 9.20 10.38
CA PRO A 65 -23.44 10.12 9.48
C PRO A 65 -22.90 9.41 8.26
N ARG A 66 -22.73 10.18 7.18
CA ARG A 66 -22.33 9.59 5.91
C ARG A 66 -20.97 8.91 6.01
N PHE A 67 -20.08 9.39 6.87
CA PHE A 67 -18.78 8.76 7.01
C PHE A 67 -18.86 7.46 7.80
N LEU A 68 -19.92 7.25 8.55
CA LEU A 68 -20.02 6.10 9.43
C LEU A 68 -20.52 4.84 8.73
N ILE A 69 -21.07 4.97 7.52
CA ILE A 69 -21.68 3.81 6.88
C ILE A 69 -20.60 2.87 6.38
N ASN A 70 -20.73 1.60 6.71
CA ASN A 70 -19.83 0.57 6.23
C ASN A 70 -20.67 -0.50 5.55
N GLN A 71 -20.31 -0.83 4.31
CA GLN A 71 -21.02 -1.84 3.54
C GLN A 71 -20.24 -3.14 3.69
N GLU A 72 -20.66 -3.97 4.63
CA GLU A 72 -19.95 -5.22 4.88
C GLU A 72 -20.17 -6.19 3.74
N PRO A 73 -19.13 -6.65 3.06
CA PRO A 73 -19.30 -7.65 2.01
C PRO A 73 -19.74 -8.97 2.60
N GLN A 74 -20.48 -9.74 1.79
CA GLN A 74 -20.97 -11.03 2.24
C GLN A 74 -19.80 -11.95 2.57
N LEU A 75 -19.89 -12.62 3.72
CA LEU A 75 -18.84 -13.51 4.16
C LEU A 75 -19.33 -14.93 4.41
N GLU A 76 -20.62 -15.19 4.32
CA GLU A 76 -21.17 -16.52 4.48
C GLU A 76 -21.92 -16.92 3.22
N LYS A 77 -22.24 -18.22 3.15
CA LYS A 77 -22.96 -18.74 2.00
C LYS A 77 -24.32 -18.05 1.87
N ARG A 78 -24.65 -17.65 0.65
CA ARG A 78 -25.89 -16.95 0.36
C ARG A 78 -26.76 -17.84 -0.52
N ALA A 79 -28.00 -18.03 -0.11
CA ALA A 79 -28.89 -18.92 -0.85
C ALA A 79 -29.15 -18.37 -2.25
N PHE A 80 -29.17 -19.26 -3.23
CA PHE A 80 -29.35 -18.88 -4.63
C PHE A 80 -30.83 -18.88 -4.97
N VAL A 81 -31.33 -17.73 -5.42
CA VAL A 81 -32.73 -17.57 -5.78
C VAL A 81 -32.83 -16.82 -7.09
N GLN A 82 -33.78 -17.23 -7.94
CA GLN A 82 -34.02 -16.57 -9.21
C GLN A 82 -35.51 -16.47 -9.47
N ASP A 83 -35.90 -15.45 -10.23
CA ASP A 83 -37.30 -15.23 -10.52
C ASP A 83 -37.82 -16.33 -11.44
N PRO A 84 -39.07 -16.76 -11.27
CA PRO A 84 -39.63 -17.77 -12.18
C PRO A 84 -39.66 -17.32 -13.62
N TRP A 85 -39.90 -16.03 -13.86
CA TRP A 85 -39.83 -15.53 -15.23
C TRP A 85 -38.39 -15.55 -15.74
N ASP A 86 -37.44 -15.23 -14.87
CA ASP A 86 -36.03 -15.22 -15.28
C ASP A 86 -35.57 -16.59 -15.71
N LYS A 87 -35.83 -17.61 -14.88
CA LYS A 87 -35.42 -18.96 -15.25
C LYS A 87 -36.18 -19.46 -16.46
N ALA A 88 -37.46 -19.12 -16.57
CA ALA A 88 -38.23 -19.53 -17.73
C ALA A 88 -37.67 -18.91 -19.00
N ASN A 89 -37.28 -17.63 -18.94
CA ASN A 89 -36.69 -16.98 -20.10
C ASN A 89 -35.40 -17.67 -20.52
N GLN A 90 -34.54 -17.99 -19.55
CA GLN A 90 -33.29 -18.67 -19.87
C GLN A 90 -33.56 -20.05 -20.48
N GLU A 91 -34.56 -20.76 -19.97
CA GLU A 91 -34.93 -22.03 -20.57
C GLU A 91 -35.42 -21.84 -22.00
N LYS A 92 -36.21 -20.80 -22.24
CA LYS A 92 -36.79 -20.61 -23.57
C LYS A 92 -35.71 -20.32 -24.61
N MET A 93 -34.74 -19.47 -24.28
CA MET A 93 -33.71 -19.14 -25.25
C MET A 93 -32.81 -20.33 -25.53
N ILE A 94 -32.65 -21.23 -24.56
CA ILE A 94 -31.86 -22.44 -24.80
C ILE A 94 -32.50 -23.27 -25.89
N SER A 95 -33.82 -23.44 -25.84
CA SER A 95 -34.51 -24.20 -26.87
C SER A 95 -34.34 -23.56 -28.23
N LEU A 96 -34.40 -22.22 -28.29
CA LEU A 96 -34.17 -21.54 -29.55
C LEU A 96 -32.77 -21.78 -30.07
N GLU A 97 -31.78 -21.81 -29.17
CA GLU A 97 -30.41 -22.11 -29.58
C GLU A 97 -30.31 -23.50 -30.16
N GLU A 98 -31.00 -24.47 -29.54
CA GLU A 98 -30.99 -25.83 -30.07
C GLU A 98 -31.71 -25.90 -31.41
N SER A 99 -32.83 -25.20 -31.55
CA SER A 99 -33.67 -25.34 -32.74
C SER A 99 -33.10 -24.55 -33.92
N ILE A 100 -32.78 -23.28 -33.69
CA ILE A 100 -32.34 -22.41 -34.78
C ILE A 100 -30.92 -22.79 -35.19
N ASP A 101 -30.69 -22.93 -36.49
CA ASP A 101 -29.39 -23.31 -37.02
C ASP A 101 -28.61 -22.13 -37.59
N ASP A 102 -29.29 -21.12 -38.11
CA ASP A 102 -28.58 -19.95 -38.64
C ASP A 102 -28.01 -19.14 -37.47
N LEU A 103 -26.70 -18.90 -37.51
CA LEU A 103 -26.05 -18.19 -36.43
C LEU A 103 -26.49 -16.73 -36.39
N ASN A 104 -26.53 -16.07 -37.55
CA ASN A 104 -26.94 -14.67 -37.58
C ASN A 104 -28.38 -14.52 -37.12
N GLU A 105 -29.26 -15.44 -37.54
CA GLU A 105 -30.64 -15.38 -37.10
C GLU A 105 -30.75 -15.56 -35.59
N LEU A 106 -29.99 -16.51 -35.03
CA LEU A 106 -30.03 -16.74 -33.60
C LEU A 106 -29.54 -15.53 -32.83
N TYR A 107 -28.44 -14.94 -33.27
CA TYR A 107 -27.87 -13.80 -32.55
C TYR A 107 -28.81 -12.61 -32.57
N GLU A 108 -29.44 -12.33 -33.70
CA GLU A 108 -30.37 -11.21 -33.77
C GLU A 108 -31.57 -11.44 -32.87
N THR A 109 -32.13 -12.64 -32.89
CA THR A 109 -33.30 -12.94 -32.06
C THR A 109 -32.97 -12.83 -30.58
N LEU A 110 -31.82 -13.37 -30.17
CA LEU A 110 -31.41 -13.26 -28.77
C LEU A 110 -31.21 -11.81 -28.37
N LYS A 111 -30.64 -11.00 -29.27
CA LYS A 111 -30.43 -9.60 -28.96
C LYS A 111 -31.76 -8.88 -28.73
N LYS A 112 -32.76 -9.16 -29.56
CA LYS A 112 -34.08 -8.59 -29.32
C LYS A 112 -34.68 -9.12 -28.02
N MET A 113 -34.49 -10.42 -27.75
CA MET A 113 -34.98 -10.99 -26.50
C MET A 113 -34.28 -10.33 -25.31
N ARG A 114 -32.98 -10.07 -25.43
CA ARG A 114 -32.26 -9.42 -24.35
C ARG A 114 -32.84 -8.04 -24.05
N ASN A 115 -33.16 -7.27 -25.10
CA ASN A 115 -33.69 -5.94 -24.89
C ASN A 115 -35.02 -5.98 -24.14
N THR A 116 -35.91 -6.89 -24.52
CA THR A 116 -37.15 -7.06 -23.77
C THR A 116 -36.88 -7.55 -22.35
N GLU A 117 -35.95 -8.49 -22.20
CA GLU A 117 -35.61 -9.00 -20.88
C GLU A 117 -35.07 -7.89 -19.99
N ARG A 118 -34.21 -7.03 -20.54
CA ARG A 118 -33.59 -5.99 -19.75
C ARG A 118 -34.63 -5.05 -19.16
N SER A 119 -35.62 -4.65 -19.96
CA SER A 119 -36.65 -3.75 -19.45
C SER A 119 -37.43 -4.40 -18.30
N ILE A 120 -37.70 -5.69 -18.41
CA ILE A 120 -38.42 -6.39 -17.35
C ILE A 120 -37.61 -6.39 -16.06
N MET A 121 -36.31 -6.65 -16.15
CA MET A 121 -35.49 -6.68 -14.95
C MET A 121 -35.38 -5.31 -14.32
N GLU A 122 -35.25 -4.25 -15.13
CA GLU A 122 -35.20 -2.90 -14.59
C GLU A 122 -36.47 -2.59 -13.80
N GLU A 123 -37.62 -2.88 -14.40
CA GLU A 123 -38.88 -2.69 -13.69
C GLU A 123 -38.98 -3.62 -12.49
N LYS A 124 -38.46 -4.85 -12.63
CA LYS A 124 -38.44 -5.77 -11.50
C LYS A 124 -37.55 -5.27 -10.38
N GLY A 125 -36.49 -4.53 -10.72
CA GLY A 125 -35.59 -4.00 -9.72
C GLY A 125 -34.42 -4.89 -9.38
N LEU A 126 -34.02 -5.79 -10.28
CA LEU A 126 -32.89 -6.68 -10.05
C LEU A 126 -31.62 -6.21 -10.75
N VAL A 127 -31.63 -5.01 -11.31
CA VAL A 127 -30.46 -4.46 -11.99
C VAL A 127 -30.61 -2.95 -12.03
N ASP A 128 -29.49 -2.24 -11.97
CA ASP A 128 -29.52 -0.79 -12.03
C ASP A 128 -29.84 -0.31 -13.43
N LYS A 129 -30.40 0.89 -13.52
CA LYS A 129 -30.78 1.48 -14.79
C LYS A 129 -29.66 2.28 -15.44
N ALA A 130 -28.46 2.26 -14.86
CA ALA A 130 -27.26 2.93 -15.35
C ALA A 130 -27.38 4.44 -15.31
N ASP A 131 -28.47 4.99 -14.77
CA ASP A 131 -28.58 6.43 -14.59
C ASP A 131 -29.19 6.80 -13.26
N SER A 132 -29.56 5.84 -12.43
CA SER A 132 -30.19 6.14 -11.15
C SER A 132 -29.19 6.76 -10.20
N ALA A 133 -29.72 7.40 -9.15
CA ALA A 133 -28.92 8.03 -8.10
C ALA A 133 -29.40 7.47 -6.77
N LYS A 134 -28.85 6.34 -6.37
CA LYS A 134 -29.18 5.73 -5.09
C LYS A 134 -28.31 6.34 -3.99
N ASP A 135 -28.67 6.05 -2.74
CA ASP A 135 -27.97 6.58 -1.59
C ASP A 135 -27.02 5.58 -0.96
N LEU A 136 -26.76 4.45 -1.63
CA LEU A 136 -25.80 3.44 -1.19
C LEU A 136 -26.32 2.69 0.03
N TYR A 137 -27.42 3.15 0.61
CA TYR A 137 -28.04 2.43 1.72
C TYR A 137 -29.01 1.38 1.22
N ASP A 138 -29.62 1.61 0.07
CA ASP A 138 -30.54 0.67 -0.54
C ASP A 138 -30.04 0.22 -1.91
N ALA A 139 -28.73 0.16 -2.08
CA ALA A 139 -28.16 -0.32 -3.32
C ALA A 139 -28.54 -1.78 -3.55
N ILE A 140 -28.81 -2.12 -4.80
CA ILE A 140 -29.26 -3.47 -5.13
C ILE A 140 -28.13 -4.45 -4.90
N VAL A 141 -28.40 -5.51 -4.14
CA VAL A 141 -27.45 -6.60 -3.99
C VAL A 141 -27.59 -7.50 -5.22
N PHE A 142 -26.56 -7.51 -6.05
CA PHE A 142 -26.63 -8.27 -7.30
C PHE A 142 -26.62 -9.77 -7.00
N GLN A 143 -27.30 -10.53 -7.86
CA GLN A 143 -27.38 -11.97 -7.69
C GLN A 143 -27.43 -12.61 -9.07
N GLY A 144 -26.32 -13.21 -9.49
CA GLY A 144 -26.27 -13.80 -10.81
C GLY A 144 -27.16 -15.02 -10.93
N THR A 145 -27.60 -15.30 -12.15
CA THR A 145 -28.50 -16.41 -12.41
C THR A 145 -28.05 -17.29 -13.57
N CYS A 146 -26.82 -17.13 -14.05
CA CYS A 146 -26.35 -17.90 -15.21
C CYS A 146 -26.08 -19.32 -14.80
N LEU A 147 -27.07 -20.21 -15.00
CA LEU A 147 -26.94 -21.57 -14.53
C LEU A 147 -25.83 -22.33 -15.26
N ASP A 148 -25.74 -22.17 -16.58
CA ASP A 148 -24.76 -22.93 -17.33
C ASP A 148 -23.37 -22.28 -17.19
N MET A 149 -22.38 -22.91 -17.83
CA MET A 149 -21.01 -22.45 -17.69
C MET A 149 -20.81 -21.07 -18.28
N CYS A 150 -21.43 -20.80 -19.43
CA CYS A 150 -21.30 -19.52 -20.11
C CYS A 150 -22.68 -19.00 -20.48
N PRO A 151 -22.90 -17.68 -20.38
CA PRO A 151 -24.23 -17.14 -20.69
C PRO A 151 -24.66 -17.47 -22.11
N THR A 152 -25.94 -17.81 -22.27
CA THR A 152 -26.43 -18.27 -23.56
C THR A 152 -26.33 -17.19 -24.62
N PHE A 153 -26.67 -15.95 -24.26
CA PHE A 153 -26.50 -14.86 -25.22
C PHE A 153 -25.03 -14.67 -25.57
N GLU A 154 -24.16 -14.77 -24.57
CA GLU A 154 -22.74 -14.56 -24.81
C GLU A 154 -22.19 -15.61 -25.77
N ARG A 155 -22.62 -16.86 -25.61
CA ARG A 155 -22.18 -17.91 -26.53
C ARG A 155 -22.64 -17.61 -27.95
N SER A 156 -23.87 -17.13 -28.10
CA SER A 156 -24.38 -16.83 -29.43
C SER A 156 -23.60 -15.69 -30.09
N ARG A 157 -23.22 -14.68 -29.31
CA ARG A 157 -22.51 -13.55 -29.90
C ARG A 157 -21.17 -13.98 -30.49
N ARG A 158 -20.43 -14.82 -29.77
CA ARG A 158 -19.14 -15.24 -30.27
C ARG A 158 -19.27 -16.19 -31.46
N ASN A 159 -20.45 -16.78 -31.66
CA ASN A 159 -20.63 -17.65 -32.82
C ASN A 159 -20.47 -16.89 -34.12
N VAL A 160 -21.05 -15.68 -34.19
CA VAL A 160 -20.91 -14.89 -35.41
C VAL A 160 -19.60 -14.14 -35.45
N GLU A 161 -18.93 -13.97 -34.31
CA GLU A 161 -17.62 -13.34 -34.30
C GLU A 161 -16.48 -14.31 -34.61
N TYR A 162 -16.77 -15.62 -34.63
CA TYR A 162 -15.76 -16.65 -34.87
C TYR A 162 -14.61 -16.52 -33.88
N THR A 163 -14.94 -16.20 -32.63
CA THR A 163 -13.95 -16.11 -31.56
C THR A 163 -14.08 -17.25 -30.56
N VAL A 164 -14.64 -18.37 -30.99
CA VAL A 164 -14.78 -19.54 -30.13
C VAL A 164 -13.58 -20.44 -30.35
N TYR A 165 -12.85 -20.74 -29.27
CA TYR A 165 -11.70 -21.62 -29.38
C TYR A 165 -12.14 -23.05 -29.64
N SER A 166 -11.20 -23.86 -30.10
CA SER A 166 -11.50 -25.25 -30.39
C SER A 166 -11.85 -26.02 -29.12
N TYR A 167 -11.35 -25.58 -27.97
CA TYR A 167 -11.65 -26.27 -26.72
C TYR A 167 -13.14 -26.21 -26.40
N GLU A 168 -13.75 -25.05 -26.58
CA GLU A 168 -15.14 -24.88 -26.19
C GLU A 168 -16.08 -25.63 -27.13
N LYS A 169 -15.75 -25.71 -28.42
CA LYS A 169 -16.60 -26.40 -29.36
C LYS A 169 -16.68 -27.88 -29.00
N ASN A 170 -17.87 -28.47 -29.14
CA ASN A 170 -18.02 -29.89 -28.88
C ASN A 170 -17.19 -30.71 -29.84
N GLN A 171 -17.16 -30.32 -31.10
CA GLN A 171 -16.29 -30.91 -32.12
C GLN A 171 -15.55 -29.80 -32.82
N PRO A 172 -14.34 -30.08 -33.32
CA PRO A 172 -13.56 -29.01 -33.97
C PRO A 172 -14.27 -28.37 -35.15
N ASN A 173 -15.14 -29.10 -35.84
CA ASN A 173 -15.85 -28.57 -36.99
C ASN A 173 -17.19 -27.94 -36.64
N ASP A 174 -17.62 -28.03 -35.38
CA ASP A 174 -18.92 -27.50 -35.00
C ASP A 174 -18.93 -25.98 -35.14
N LYS A 175 -20.02 -25.45 -35.67
CA LYS A 175 -20.10 -24.01 -35.92
C LYS A 175 -20.33 -23.22 -34.64
N LYS A 176 -21.17 -23.71 -33.74
CA LYS A 176 -21.54 -22.98 -32.55
C LYS A 176 -21.03 -23.70 -31.30
N ALA A 177 -20.61 -22.91 -30.32
CA ALA A 177 -20.02 -23.46 -29.11
C ALA A 177 -21.05 -24.28 -28.34
N SER A 178 -20.61 -25.41 -27.78
CA SER A 178 -21.49 -26.26 -27.00
C SER A 178 -21.64 -25.71 -25.60
N ARG A 179 -22.87 -25.77 -25.07
CA ARG A 179 -23.13 -25.22 -23.75
C ARG A 179 -22.35 -25.97 -22.68
N THR A 180 -22.24 -27.29 -22.81
CA THR A 180 -21.58 -28.08 -21.78
C THR A 180 -20.07 -27.87 -21.73
N LYS A 181 -19.49 -27.17 -22.71
CA LYS A 181 -18.05 -27.00 -22.76
C LYS A 181 -17.59 -25.57 -22.99
N ALA A 182 -18.50 -24.61 -23.12
CA ALA A 182 -18.09 -23.24 -23.36
C ALA A 182 -17.64 -22.58 -22.06
N LEU A 183 -17.14 -21.36 -22.19
CA LEU A 183 -16.72 -20.58 -21.03
C LEU A 183 -16.96 -19.11 -21.32
N LYS A 184 -17.05 -18.31 -20.27
CA LYS A 184 -17.34 -16.88 -20.41
C LYS A 184 -16.05 -16.10 -20.57
N VAL A 185 -16.03 -15.19 -21.53
CA VAL A 185 -14.86 -14.37 -21.80
C VAL A 185 -14.83 -13.19 -20.84
N PHE A 186 -13.64 -12.82 -20.39
CA PHE A 186 -13.50 -11.66 -19.53
C PHE A 186 -13.94 -10.40 -20.26
N ALA A 187 -15.05 -9.82 -19.82
CA ALA A 187 -15.61 -8.63 -20.48
C ALA A 187 -14.84 -7.40 -20.01
N ARG A 188 -14.02 -6.85 -20.90
CA ARG A 188 -13.27 -5.66 -20.56
C ARG A 188 -14.22 -4.49 -20.36
N PRO A 189 -13.95 -3.62 -19.38
CA PRO A 189 -14.82 -2.46 -19.18
C PRO A 189 -14.83 -1.57 -20.41
N ALA A 190 -16.04 -1.27 -20.89
CA ALA A 190 -16.24 -0.44 -22.07
C ALA A 190 -17.09 0.77 -21.70
N ALA A 191 -16.79 1.89 -22.36
CA ALA A 191 -17.53 3.11 -22.09
C ALA A 191 -18.99 2.97 -22.53
N ALA A 192 -19.89 3.53 -21.73
CA ALA A 192 -21.32 3.53 -22.04
C ALA A 192 -21.85 2.12 -22.23
N ALA A 193 -21.35 1.18 -21.42
CA ALA A 193 -21.79 -0.20 -21.47
C ALA A 193 -22.86 -0.42 -20.41
N ALA A 194 -23.97 -1.02 -20.81
CA ALA A 194 -25.05 -1.27 -19.88
C ALA A 194 -24.60 -2.26 -18.81
N PRO A 195 -24.96 -2.05 -17.55
CA PRO A 195 -24.54 -2.97 -16.50
C PRO A 195 -25.08 -4.35 -16.76
N PRO A 196 -24.35 -5.39 -16.37
CA PRO A 196 -24.74 -6.76 -16.71
C PRO A 196 -26.05 -7.16 -16.06
N LEU A 197 -26.82 -7.95 -16.79
CA LEU A 197 -28.03 -8.54 -16.25
C LEU A 197 -27.67 -9.71 -15.35
N PRO A 198 -28.56 -10.10 -14.43
CA PRO A 198 -28.31 -11.30 -13.64
C PRO A 198 -28.20 -12.56 -14.48
N SER A 199 -28.76 -12.55 -15.69
CA SER A 199 -28.63 -13.69 -16.58
C SER A 199 -27.19 -13.88 -17.07
N ASP A 200 -26.39 -12.82 -17.09
CA ASP A 200 -25.02 -12.94 -17.55
C ASP A 200 -24.10 -13.42 -16.44
N VAL A 201 -24.07 -12.70 -15.33
CA VAL A 201 -23.24 -13.13 -14.20
C VAL A 201 -23.78 -14.43 -13.64
N ARG A 202 -22.87 -15.29 -13.19
CA ARG A 202 -23.25 -16.62 -12.72
C ARG A 202 -23.05 -16.73 -11.22
N PRO A 203 -23.89 -17.48 -10.53
CA PRO A 203 -23.85 -17.52 -9.08
C PRO A 203 -22.57 -18.20 -8.60
N PRO A 204 -22.13 -17.90 -7.38
CA PRO A 204 -20.85 -18.46 -6.91
C PRO A 204 -20.81 -19.98 -6.93
N HIS A 205 -21.91 -20.64 -6.60
CA HIS A 205 -21.88 -22.09 -6.58
C HIS A 205 -21.77 -22.69 -7.98
N ILE A 206 -21.95 -21.89 -9.03
CA ILE A 206 -21.62 -22.33 -10.38
C ILE A 206 -20.17 -22.04 -10.71
N LEU A 207 -19.64 -20.92 -10.19
CA LEU A 207 -18.24 -20.58 -10.44
C LEU A 207 -17.32 -21.66 -9.89
N VAL A 208 -17.67 -22.23 -8.74
CA VAL A 208 -16.91 -23.35 -8.22
C VAL A 208 -16.99 -24.53 -9.19
N LYS A 209 -18.17 -24.79 -9.74
CA LYS A 209 -18.30 -25.86 -10.72
C LYS A 209 -17.51 -25.53 -11.98
N THR A 210 -17.56 -24.28 -12.44
CA THR A 210 -16.80 -23.90 -13.63
C THR A 210 -15.31 -24.05 -13.39
N LEU A 211 -14.82 -23.58 -12.25
CA LEU A 211 -13.39 -23.71 -11.96
C LEU A 211 -13.00 -25.18 -11.88
N ASP A 212 -13.86 -26.02 -11.31
CA ASP A 212 -13.60 -27.44 -11.31
C ASP A 212 -13.55 -28.01 -12.72
N TYR A 213 -14.31 -27.43 -13.65
CA TYR A 213 -14.21 -27.86 -15.03
C TYR A 213 -12.84 -27.53 -15.61
N ILE A 214 -12.32 -26.34 -15.33
CA ILE A 214 -11.03 -25.95 -15.86
C ILE A 214 -9.94 -26.86 -15.30
N VAL A 215 -9.98 -27.12 -14.00
CA VAL A 215 -8.92 -27.90 -13.37
C VAL A 215 -8.87 -29.31 -13.93
N ASP A 216 -10.03 -29.92 -14.15
CA ASP A 216 -10.05 -31.33 -14.53
C ASP A 216 -9.82 -31.51 -16.03
N ASN A 217 -10.49 -30.73 -16.87
CA ASN A 217 -10.57 -31.03 -18.28
C ASN A 217 -9.81 -30.04 -19.17
N LEU A 218 -9.06 -29.11 -18.59
CA LEU A 218 -8.34 -28.15 -19.41
C LEU A 218 -6.88 -27.95 -19.02
N LEU A 219 -6.45 -28.40 -17.86
CA LEU A 219 -5.05 -28.17 -17.46
C LEU A 219 -4.09 -28.94 -18.34
N THR A 220 -4.48 -30.14 -18.79
CA THR A 220 -3.58 -30.92 -19.65
C THR A 220 -3.36 -30.26 -21.00
N THR A 221 -4.23 -29.32 -21.39
CA THR A 221 -4.07 -28.64 -22.66
C THR A 221 -2.92 -27.63 -22.64
N LEU A 222 -2.37 -27.31 -21.47
CA LEU A 222 -1.26 -26.39 -21.39
C LEU A 222 -0.04 -27.01 -22.07
N PRO A 223 0.86 -26.18 -22.62
CA PRO A 223 0.88 -24.73 -22.64
C PRO A 223 0.20 -24.10 -23.86
N GLU A 224 -0.39 -24.90 -24.75
CA GLU A 224 -0.99 -24.34 -25.96
C GLU A 224 -2.21 -23.48 -25.67
N SER A 225 -2.76 -23.54 -24.47
CA SER A 225 -3.98 -22.84 -24.12
C SER A 225 -3.75 -21.87 -22.96
N GLU A 226 -2.55 -21.29 -22.89
CA GLU A 226 -2.26 -20.36 -21.80
C GLU A 226 -3.11 -19.11 -21.90
N GLY A 227 -3.21 -18.53 -23.10
CA GLY A 227 -4.02 -17.33 -23.26
C GLY A 227 -5.50 -17.60 -23.03
N PHE A 228 -5.96 -18.79 -23.42
CA PHE A 228 -7.36 -19.13 -23.21
C PHE A 228 -7.69 -19.24 -21.73
N LEU A 229 -6.89 -20.00 -20.97
CA LEU A 229 -7.18 -20.16 -19.55
C LEU A 229 -7.01 -18.85 -18.80
N TRP A 230 -5.97 -18.08 -19.13
CA TRP A 230 -5.72 -16.84 -18.42
C TRP A 230 -6.88 -15.87 -18.58
N ASP A 231 -7.41 -15.76 -19.79
CA ASP A 231 -8.58 -14.91 -20.00
C ASP A 231 -9.79 -15.42 -19.26
N ARG A 232 -10.04 -16.73 -19.33
CA ARG A 232 -11.24 -17.28 -18.72
C ARG A 232 -11.21 -17.16 -17.20
N MET A 233 -10.07 -17.45 -16.58
CA MET A 233 -9.97 -17.32 -15.13
C MET A 233 -10.13 -15.87 -14.70
N ARG A 234 -9.61 -14.94 -15.50
CA ARG A 234 -9.83 -13.53 -15.21
C ARG A 234 -11.31 -13.20 -15.26
N SER A 235 -12.07 -13.86 -16.13
CA SER A 235 -13.52 -13.68 -16.15
C SER A 235 -14.16 -14.19 -14.87
N ILE A 236 -13.68 -15.31 -14.34
CA ILE A 236 -14.30 -15.90 -13.16
C ILE A 236 -14.21 -14.97 -11.97
N ARG A 237 -13.04 -14.36 -11.75
CA ARG A 237 -12.92 -13.40 -10.67
C ARG A 237 -13.81 -12.19 -10.90
N GLN A 238 -14.04 -11.83 -12.16
CA GLN A 238 -14.89 -10.69 -12.45
C GLN A 238 -16.33 -10.93 -12.01
N ASP A 239 -16.83 -12.16 -12.21
CA ASP A 239 -18.21 -12.46 -11.82
C ASP A 239 -18.40 -12.31 -10.31
N PHE A 240 -17.36 -12.62 -9.53
CA PHE A 240 -17.42 -12.34 -8.10
C PHE A 240 -17.51 -10.85 -7.84
N THR A 241 -16.75 -10.04 -8.59
CA THR A 241 -16.75 -8.61 -8.37
C THR A 241 -18.11 -7.99 -8.66
N TYR A 242 -18.78 -8.47 -9.72
CA TYR A 242 -20.11 -7.96 -10.02
C TYR A 242 -21.07 -8.23 -8.87
N GLN A 243 -21.00 -9.41 -8.27
CA GLN A 243 -21.89 -9.78 -7.19
C GLN A 243 -21.45 -9.23 -5.84
N ASN A 244 -20.28 -8.60 -5.78
CA ASN A 244 -19.74 -8.08 -4.53
C ASN A 244 -19.70 -9.18 -3.46
N TYR A 245 -19.27 -10.37 -3.89
CA TYR A 245 -19.30 -11.55 -3.05
C TYR A 245 -17.88 -11.89 -2.59
N SER A 246 -17.76 -12.25 -1.31
CA SER A 246 -16.47 -12.64 -0.75
C SER A 246 -16.62 -13.82 0.19
N GLY A 247 -17.61 -14.67 -0.05
CA GLY A 247 -17.88 -15.78 0.84
C GLY A 247 -16.87 -16.88 0.68
N PRO A 248 -17.09 -18.01 1.36
CA PRO A 248 -16.12 -19.11 1.30
C PRO A 248 -15.85 -19.59 -0.12
N GLU A 249 -16.86 -19.56 -0.98
CA GLU A 249 -16.64 -19.94 -2.37
C GLU A 249 -15.71 -18.96 -3.07
N ALA A 250 -15.86 -17.67 -2.80
CA ALA A 250 -14.99 -16.68 -3.41
C ALA A 250 -13.55 -16.86 -2.95
N VAL A 251 -13.36 -17.15 -1.66
CA VAL A 251 -12.01 -17.41 -1.15
C VAL A 251 -11.44 -18.67 -1.81
N ASP A 252 -12.25 -19.73 -1.87
CA ASP A 252 -11.78 -20.98 -2.44
C ASP A 252 -11.42 -20.80 -3.91
N CYS A 253 -12.26 -20.09 -4.66
CA CYS A 253 -12.00 -19.92 -6.09
C CYS A 253 -10.75 -19.11 -6.34
N ASN A 254 -10.59 -17.99 -5.63
CA ASN A 254 -9.38 -17.18 -5.82
C ASN A 254 -8.13 -17.95 -5.42
N GLU A 255 -8.25 -18.83 -4.42
CA GLU A 255 -7.09 -19.62 -4.01
C GLU A 255 -6.62 -20.53 -5.14
N ARG A 256 -7.53 -21.20 -5.83
CA ARG A 256 -7.12 -22.09 -6.89
C ARG A 256 -6.70 -21.33 -8.14
N ILE A 257 -7.25 -20.13 -8.36
CA ILE A 257 -6.80 -19.32 -9.49
C ILE A 257 -5.31 -18.98 -9.34
N VAL A 258 -4.90 -18.60 -8.14
CA VAL A 258 -3.49 -18.28 -7.90
C VAL A 258 -2.62 -19.50 -8.15
N ARG A 259 -3.05 -20.66 -7.66
CA ARG A 259 -2.27 -21.87 -7.87
C ARG A 259 -2.17 -22.23 -9.34
N ILE A 260 -3.22 -21.95 -10.12
CA ILE A 260 -3.12 -22.18 -11.56
C ILE A 260 -2.05 -21.30 -12.16
N HIS A 261 -2.00 -20.02 -11.76
CA HIS A 261 -1.00 -19.11 -12.30
C HIS A 261 0.40 -19.59 -11.97
N LEU A 262 0.62 -20.07 -10.76
CA LEU A 262 1.94 -20.56 -10.38
C LEU A 262 2.33 -21.76 -11.23
N LEU A 263 1.42 -22.73 -11.37
CA LEU A 263 1.72 -23.89 -12.21
C LEU A 263 1.85 -23.47 -13.66
N ILE A 264 0.96 -22.62 -14.15
CA ILE A 264 1.06 -22.15 -15.52
C ILE A 264 2.31 -21.32 -15.71
N LEU A 265 2.88 -20.79 -14.63
CA LEU A 265 4.13 -20.04 -14.75
C LEU A 265 5.29 -20.98 -15.05
N HIS A 266 5.30 -22.16 -14.45
CA HIS A 266 6.40 -23.08 -14.68
C HIS A 266 6.28 -23.75 -16.05
N ILE A 267 5.05 -24.02 -16.48
CA ILE A 267 4.87 -24.73 -17.75
C ILE A 267 5.40 -23.90 -18.91
N MET A 268 5.11 -22.60 -18.91
CA MET A 268 5.49 -21.76 -20.04
C MET A 268 7.01 -21.70 -20.19
N VAL A 269 7.73 -21.52 -19.09
CA VAL A 269 9.19 -21.43 -19.19
C VAL A 269 9.79 -22.79 -19.52
N LYS A 270 9.28 -23.86 -18.92
CA LYS A 270 9.80 -25.19 -19.22
C LYS A 270 9.54 -25.57 -20.67
N SER A 271 8.33 -25.30 -21.16
CA SER A 271 8.00 -25.63 -22.53
C SER A 271 8.58 -24.63 -23.53
N ASN A 272 9.09 -23.50 -23.07
CA ASN A 272 9.72 -22.50 -23.93
C ASN A 272 8.76 -22.05 -25.03
N VAL A 273 7.66 -21.44 -24.61
CA VAL A 273 6.66 -20.89 -25.51
C VAL A 273 6.52 -19.41 -25.21
N GLU A 274 6.54 -18.59 -26.26
CA GLU A 274 6.43 -17.15 -26.08
C GLU A 274 5.10 -16.80 -25.43
N PHE A 275 5.15 -15.99 -24.39
CA PHE A 275 3.95 -15.61 -23.64
C PHE A 275 4.24 -14.31 -22.92
N SER A 276 3.19 -13.53 -22.71
CA SER A 276 3.32 -12.26 -22.01
C SER A 276 3.51 -12.54 -20.53
N LEU A 277 4.77 -12.54 -20.09
CA LEU A 277 5.05 -12.83 -18.69
C LEU A 277 4.48 -11.76 -17.77
N GLN A 278 4.56 -10.50 -18.19
CA GLN A 278 4.14 -9.40 -17.31
C GLN A 278 2.68 -9.51 -16.94
N GLN A 279 1.81 -9.80 -17.92
CA GLN A 279 0.39 -9.89 -17.62
C GLN A 279 0.08 -11.09 -16.73
N GLU A 280 0.93 -12.11 -16.72
CA GLU A 280 0.73 -13.21 -15.80
C GLU A 280 1.07 -12.80 -14.37
N LEU A 281 2.18 -12.10 -14.17
CA LEU A 281 2.54 -11.67 -12.83
C LEU A 281 1.59 -10.61 -12.31
N GLU A 282 1.17 -9.69 -13.17
CA GLU A 282 0.26 -8.64 -12.73
C GLU A 282 -1.05 -9.22 -12.22
N GLN A 283 -1.63 -10.14 -12.97
CA GLN A 283 -2.86 -10.79 -12.52
C GLN A 283 -2.60 -11.63 -11.28
N LEU A 284 -1.45 -12.31 -11.22
CA LEU A 284 -1.14 -13.11 -10.05
C LEU A 284 -0.99 -12.23 -8.81
N HIS A 285 -0.28 -11.12 -8.93
CA HIS A 285 -0.15 -10.21 -7.80
C HIS A 285 -1.49 -9.56 -7.48
N LYS A 286 -2.25 -9.18 -8.51
CA LYS A 286 -3.53 -8.55 -8.29
C LYS A 286 -4.49 -9.50 -7.58
N SER A 287 -4.43 -10.79 -7.91
CA SER A 287 -5.24 -11.76 -7.21
C SER A 287 -4.81 -11.89 -5.75
N LEU A 288 -3.51 -11.84 -5.50
CA LEU A 288 -3.02 -12.07 -4.14
C LEU A 288 -3.47 -10.97 -3.19
N ILE A 289 -3.38 -9.70 -3.61
CA ILE A 289 -3.82 -8.63 -2.73
C ILE A 289 -5.33 -8.70 -2.53
N THR A 290 -6.08 -9.05 -3.57
CA THR A 290 -7.51 -9.25 -3.41
C THR A 290 -7.78 -10.40 -2.46
N LEU A 291 -7.07 -11.50 -2.61
CA LEU A 291 -7.26 -12.63 -1.70
C LEU A 291 -6.83 -12.28 -0.28
N SER A 292 -5.71 -11.57 -0.14
CA SER A 292 -5.27 -11.16 1.19
C SER A 292 -6.28 -10.20 1.83
N GLU A 293 -6.88 -9.33 1.01
CA GLU A 293 -7.86 -8.39 1.53
C GLU A 293 -9.06 -9.11 2.12
N ILE A 294 -9.50 -10.20 1.49
CA ILE A 294 -10.63 -10.95 2.02
C ILE A 294 -10.27 -11.56 3.36
N TYR A 295 -9.02 -11.99 3.52
CA TYR A 295 -8.60 -12.59 4.77
C TYR A 295 -8.74 -11.62 5.93
N ASP A 296 -8.38 -10.36 5.72
CA ASP A 296 -8.49 -9.37 6.78
C ASP A 296 -9.94 -9.17 7.20
N ASP A 297 -10.87 -9.12 6.23
CA ASP A 297 -12.27 -8.94 6.58
C ASP A 297 -12.80 -10.11 7.39
N VAL A 298 -12.45 -11.33 7.00
CA VAL A 298 -12.89 -12.50 7.75
C VAL A 298 -12.32 -12.46 9.17
N ARG A 299 -11.05 -12.10 9.29
CA ARG A 299 -10.45 -11.97 10.62
C ARG A 299 -11.14 -10.88 11.42
N SER A 300 -11.43 -9.75 10.79
CA SER A 300 -12.10 -8.65 11.49
C SER A 300 -13.50 -9.03 11.93
N SER A 301 -14.12 -10.03 11.31
CA SER A 301 -15.45 -10.48 11.66
C SER A 301 -15.45 -11.71 12.55
N GLY A 302 -14.28 -12.09 13.07
CA GLY A 302 -14.20 -13.20 13.98
C GLY A 302 -14.14 -14.57 13.34
N GLY A 303 -14.20 -14.65 12.01
CA GLY A 303 -14.10 -15.91 11.32
C GLY A 303 -12.66 -16.35 11.15
N THR A 304 -12.48 -17.34 10.29
CA THR A 304 -11.14 -17.82 9.97
C THR A 304 -11.15 -18.46 8.60
N CYS A 305 -9.99 -18.47 7.96
CA CYS A 305 -9.80 -19.10 6.66
C CYS A 305 -8.75 -20.19 6.80
N PRO A 306 -9.07 -21.45 6.53
CA PRO A 306 -8.14 -22.54 6.85
C PRO A 306 -6.84 -22.49 6.08
N ASN A 307 -6.80 -21.81 4.93
CA ASN A 307 -5.62 -21.76 4.09
C ASN A 307 -5.06 -20.35 3.99
N GLU A 308 -5.11 -19.59 5.08
CA GLU A 308 -4.57 -18.23 5.04
C GLU A 308 -3.05 -18.23 5.06
N ALA A 309 -2.45 -19.15 5.81
CA ALA A 309 -1.00 -19.14 5.97
C ALA A 309 -0.30 -19.35 4.64
N GLU A 310 -0.79 -20.28 3.83
CA GLU A 310 -0.12 -20.56 2.56
C GLU A 310 -0.15 -19.34 1.64
N PHE A 311 -1.29 -18.67 1.55
CA PHE A 311 -1.40 -17.57 0.60
C PHE A 311 -0.90 -16.24 1.14
N ARG A 312 -0.62 -16.15 2.44
CA ARG A 312 0.22 -15.06 2.90
C ARG A 312 1.64 -15.22 2.40
N ALA A 313 2.10 -16.48 2.32
CA ALA A 313 3.47 -16.74 1.89
C ALA A 313 3.70 -16.29 0.45
N TYR A 314 2.75 -16.58 -0.44
CA TYR A 314 2.89 -16.15 -1.83
C TYR A 314 2.91 -14.63 -1.91
N ALA A 315 2.16 -13.95 -1.03
CA ALA A 315 2.15 -12.50 -1.05
C ALA A 315 3.54 -11.94 -0.76
N LEU A 316 4.26 -12.56 0.18
CA LEU A 316 5.63 -12.11 0.45
C LEU A 316 6.52 -12.30 -0.77
N LEU A 317 6.37 -13.43 -1.46
CA LEU A 317 7.23 -13.73 -2.59
C LEU A 317 6.88 -12.92 -3.83
N SER A 318 5.69 -12.33 -3.88
CA SER A 318 5.30 -11.58 -5.07
C SER A 318 6.21 -10.38 -5.30
N LYS A 319 6.56 -9.67 -4.23
CA LYS A 319 7.50 -8.55 -4.29
C LYS A 319 8.60 -8.86 -3.27
N ILE A 320 9.63 -9.57 -3.72
CA ILE A 320 10.66 -10.05 -2.81
C ILE A 320 11.38 -8.88 -2.14
N ARG A 321 11.67 -7.84 -2.91
CA ARG A 321 12.51 -6.74 -2.44
C ARG A 321 11.68 -5.51 -2.09
N ASP A 322 10.49 -5.71 -1.55
CA ASP A 322 9.64 -4.60 -1.12
C ASP A 322 9.48 -4.66 0.40
N PRO A 323 10.01 -3.69 1.14
CA PRO A 323 9.90 -3.75 2.60
C PRO A 323 8.48 -3.62 3.11
N GLN A 324 7.56 -3.09 2.31
CA GLN A 324 6.19 -2.92 2.77
C GLN A 324 5.55 -4.26 3.13
N TYR A 325 5.93 -5.32 2.42
CA TYR A 325 5.35 -6.61 2.71
C TYR A 325 5.94 -7.25 3.96
N ASP A 326 7.07 -6.75 4.45
CA ASP A 326 7.65 -7.28 5.67
C ASP A 326 6.91 -6.77 6.90
N GLU A 327 6.44 -5.53 6.87
CA GLU A 327 5.71 -5.02 8.03
C GLU A 327 4.31 -5.61 8.12
N ASN A 328 3.67 -5.86 6.98
CA ASN A 328 2.32 -6.42 7.01
C ASN A 328 2.31 -7.80 7.64
N ILE A 329 3.30 -8.64 7.30
CA ILE A 329 3.34 -9.98 7.87
C ILE A 329 3.62 -9.94 9.36
N GLN A 330 4.17 -8.84 9.86
CA GLN A 330 4.45 -8.74 11.29
C GLN A 330 3.20 -8.46 12.10
N ARG A 331 2.27 -7.68 11.55
CA ARG A 331 1.04 -7.36 12.27
C ARG A 331 0.10 -8.55 12.40
N LEU A 332 0.34 -9.63 11.66
CA LEU A 332 -0.57 -10.76 11.67
C LEU A 332 -0.44 -11.53 12.98
N PRO A 333 -1.47 -12.30 13.35
CA PRO A 333 -1.43 -13.03 14.62
C PRO A 333 -0.32 -14.06 14.65
N LYS A 334 -0.09 -14.59 15.86
CA LYS A 334 1.03 -15.49 16.06
C LYS A 334 0.88 -16.78 15.26
N HIS A 335 -0.31 -17.35 15.23
CA HIS A 335 -0.49 -18.65 14.58
C HIS A 335 -0.24 -18.55 13.09
N ILE A 336 -0.60 -17.43 12.47
CA ILE A 336 -0.27 -17.23 11.06
C ILE A 336 1.23 -17.00 10.89
N PHE A 337 1.81 -16.15 11.73
CA PHE A 337 3.21 -15.79 11.55
C PHE A 337 4.14 -16.96 11.81
N GLN A 338 3.72 -17.92 12.62
CA GLN A 338 4.57 -19.05 12.97
C GLN A 338 4.33 -20.28 12.10
N ASP A 339 3.47 -20.18 11.08
CA ASP A 339 3.25 -21.32 10.20
C ASP A 339 4.44 -21.53 9.29
N LYS A 340 4.76 -22.81 9.03
CA LYS A 340 5.97 -23.14 8.30
C LYS A 340 5.99 -22.53 6.91
N LEU A 341 4.82 -22.37 6.29
CA LEU A 341 4.78 -21.75 4.96
C LEU A 341 5.25 -20.31 5.02
N VAL A 342 4.82 -19.56 6.03
CA VAL A 342 5.28 -18.17 6.15
C VAL A 342 6.75 -18.13 6.55
N GLN A 343 7.15 -19.01 7.47
CA GLN A 343 8.54 -19.04 7.89
C GLN A 343 9.45 -19.36 6.71
N MET A 344 9.04 -20.31 5.87
CA MET A 344 9.82 -20.61 4.67
C MET A 344 9.90 -19.39 3.76
N ALA A 345 8.78 -18.67 3.60
CA ALA A 345 8.79 -17.49 2.75
C ALA A 345 9.72 -16.42 3.28
N LEU A 346 9.71 -16.21 4.61
CA LEU A 346 10.57 -15.18 5.19
C LEU A 346 12.04 -15.53 4.99
N CYS A 347 12.39 -16.81 5.11
CA CYS A 347 13.79 -17.21 4.90
C CYS A 347 14.25 -16.84 3.50
N PHE A 348 13.41 -17.03 2.50
CA PHE A 348 13.80 -16.66 1.14
C PHE A 348 13.98 -15.16 1.01
N ARG A 349 13.08 -14.37 1.59
CA ARG A 349 13.19 -12.92 1.46
C ARG A 349 14.50 -12.42 2.04
N ARG A 350 14.99 -13.05 3.10
CA ARG A 350 16.25 -12.62 3.69
C ARG A 350 17.44 -13.01 2.82
N VAL A 351 17.46 -14.25 2.33
CA VAL A 351 18.61 -14.72 1.58
C VAL A 351 18.68 -14.07 0.20
N ILE A 352 17.56 -13.56 -0.32
CA ILE A 352 17.62 -12.86 -1.59
C ILE A 352 18.10 -11.43 -1.38
N SER A 353 17.89 -10.88 -0.19
CA SER A 353 18.21 -9.48 0.09
C SER A 353 19.68 -9.19 -0.17
N ASN A 354 19.96 -8.41 -1.20
CA ASN A 354 21.32 -8.06 -1.57
C ASN A 354 21.46 -6.55 -1.57
N SER A 355 22.53 -6.06 -0.95
CA SER A 355 22.74 -4.62 -0.85
C SER A 355 23.20 -4.01 -2.16
N ALA A 356 23.81 -4.78 -3.04
CA ALA A 356 24.32 -4.28 -4.30
C ALA A 356 23.27 -4.25 -5.38
N TYR A 357 22.03 -4.65 -5.06
CA TYR A 357 20.95 -4.72 -6.03
C TYR A 357 20.66 -3.34 -6.60
N THR A 358 21.00 -3.13 -7.87
CA THR A 358 20.82 -1.84 -8.52
C THR A 358 19.67 -1.96 -9.51
N GLU A 359 18.69 -1.08 -9.37
CA GLU A 359 17.56 -1.01 -10.27
C GLU A 359 17.01 0.40 -10.22
N ARG A 360 16.50 0.88 -11.35
CA ARG A 360 15.98 2.24 -11.40
C ARG A 360 14.84 2.39 -10.41
N GLY A 361 14.88 3.44 -9.61
CA GLY A 361 13.88 3.65 -8.58
C GLY A 361 13.90 2.63 -7.47
N PHE A 362 15.10 2.21 -7.04
CA PHE A 362 15.24 1.31 -5.91
C PHE A 362 16.32 1.84 -4.99
N VAL A 363 16.06 1.81 -3.69
CA VAL A 363 16.96 2.35 -2.68
C VAL A 363 17.59 1.18 -1.92
N LYS A 364 18.92 1.17 -1.86
CA LYS A 364 19.62 0.07 -1.22
C LYS A 364 19.51 0.18 0.30
N THR A 365 19.68 -0.96 0.96
CA THR A 365 19.59 -1.06 2.41
C THR A 365 20.86 -1.69 2.97
N GLU A 366 21.14 -1.38 4.23
CA GLU A 366 22.39 -1.79 4.85
C GLU A 366 22.38 -3.28 5.19
N ASN A 367 23.58 -3.87 5.19
CA ASN A 367 23.82 -5.19 5.77
C ASN A 367 22.92 -6.27 5.18
N CYS A 368 22.66 -6.21 3.89
CA CYS A 368 21.88 -7.27 3.26
C CYS A 368 22.71 -8.53 3.14
N LEU A 369 22.06 -9.68 3.33
CA LEU A 369 22.78 -10.95 3.40
C LEU A 369 23.38 -11.34 2.06
N ASN A 370 22.57 -11.29 0.99
CA ASN A 370 22.96 -11.79 -0.32
C ASN A 370 23.47 -13.22 -0.23
N PHE A 371 22.68 -14.06 0.44
CA PHE A 371 23.04 -15.47 0.64
C PHE A 371 22.57 -16.27 -0.56
N TYR A 372 23.28 -16.10 -1.68
CA TYR A 372 22.93 -16.87 -2.87
C TYR A 372 23.15 -18.35 -2.65
N ALA A 373 24.23 -18.72 -1.98
CA ALA A 373 24.54 -20.13 -1.79
C ALA A 373 23.48 -20.82 -0.94
N ARG A 374 23.01 -20.14 0.10
CA ARG A 374 21.95 -20.72 0.90
C ARG A 374 20.64 -20.83 0.12
N PHE A 375 20.39 -19.88 -0.78
CA PHE A 375 19.14 -19.91 -1.53
C PHE A 375 19.02 -21.17 -2.35
N PHE A 376 20.09 -21.57 -3.04
CA PHE A 376 20.04 -22.76 -3.86
C PHE A 376 20.01 -24.03 -3.02
N GLN A 377 20.49 -23.97 -1.78
CA GLN A 377 20.31 -25.12 -0.89
C GLN A 377 18.86 -25.27 -0.47
N LEU A 378 18.13 -24.16 -0.35
CA LEU A 378 16.72 -24.25 0.00
C LEU A 378 15.90 -24.79 -1.17
N MET A 379 16.21 -24.36 -2.38
CA MET A 379 15.43 -24.78 -3.54
C MET A 379 15.48 -26.29 -3.75
N GLN A 380 16.50 -26.97 -3.25
CA GLN A 380 16.58 -28.41 -3.36
C GLN A 380 15.96 -29.13 -2.17
N SER A 381 15.54 -28.40 -1.14
CA SER A 381 15.03 -29.05 0.06
C SER A 381 13.69 -29.72 -0.24
N PRO A 382 13.53 -31.00 0.07
CA PRO A 382 12.24 -31.66 -0.17
C PRO A 382 11.09 -31.06 0.60
N SER A 383 11.35 -30.32 1.68
CA SER A 383 10.26 -29.70 2.43
C SER A 383 9.69 -28.47 1.75
N LEU A 384 10.32 -27.97 0.71
CA LEU A 384 9.82 -26.79 0.03
C LEU A 384 8.54 -27.15 -0.71
N PRO A 385 7.42 -26.46 -0.46
CA PRO A 385 6.21 -26.73 -1.24
C PRO A 385 6.46 -26.42 -2.70
N LEU A 386 5.93 -27.29 -3.57
CA LEU A 386 6.30 -27.21 -4.98
C LEU A 386 5.86 -25.89 -5.60
N LEU A 387 4.68 -25.40 -5.21
CA LEU A 387 4.17 -24.18 -5.82
C LEU A 387 5.06 -22.98 -5.53
N MET A 388 5.58 -22.89 -4.30
CA MET A 388 6.51 -21.81 -3.99
C MET A 388 7.75 -21.90 -4.85
N GLY A 389 8.23 -23.12 -5.11
CA GLY A 389 9.39 -23.28 -5.97
C GLY A 389 9.17 -22.71 -7.36
N PHE A 390 7.96 -22.91 -7.91
CA PHE A 390 7.65 -22.33 -9.22
C PHE A 390 7.69 -20.81 -9.16
N PHE A 391 7.25 -20.24 -8.04
CA PHE A 391 7.26 -18.78 -7.91
C PHE A 391 8.67 -18.24 -7.90
N LEU A 392 9.59 -18.92 -7.21
CA LEU A 392 10.93 -18.39 -7.04
C LEU A 392 11.79 -18.51 -8.29
N GLN A 393 11.41 -19.37 -9.24
CA GLN A 393 12.21 -19.51 -10.44
C GLN A 393 12.30 -18.23 -11.23
N MET A 394 11.36 -17.30 -11.04
CA MET A 394 11.41 -16.05 -11.77
C MET A 394 12.58 -15.17 -11.36
N HIS A 395 13.22 -15.47 -10.23
CA HIS A 395 14.35 -14.69 -9.75
C HIS A 395 15.69 -15.38 -9.95
N LEU A 396 15.71 -16.50 -10.67
CA LEU A 396 16.96 -17.24 -10.82
C LEU A 396 18.01 -16.43 -11.55
N THR A 397 17.62 -15.73 -12.61
CA THR A 397 18.60 -14.94 -13.37
C THR A 397 19.18 -13.82 -12.51
N ASP A 398 18.34 -13.15 -11.72
CA ASP A 398 18.83 -12.05 -10.90
C ASP A 398 19.82 -12.54 -9.86
N ILE A 399 19.46 -13.60 -9.13
CA ILE A 399 20.32 -14.09 -8.06
C ILE A 399 21.65 -14.56 -8.62
N ARG A 400 21.61 -15.30 -9.72
CA ARG A 400 22.85 -15.80 -10.30
C ARG A 400 23.76 -14.65 -10.74
N PHE A 401 23.18 -13.59 -11.29
CA PHE A 401 24.00 -12.45 -11.70
C PHE A 401 24.71 -11.83 -10.51
N TYR A 402 23.96 -11.50 -9.46
CA TYR A 402 24.60 -10.88 -8.31
C TYR A 402 25.48 -11.85 -7.54
N ALA A 403 25.23 -13.16 -7.66
CA ALA A 403 26.18 -14.12 -7.11
C ALA A 403 27.51 -14.02 -7.83
N LEU A 404 27.49 -13.91 -9.15
CA LEU A 404 28.74 -13.78 -9.89
C LEU A 404 29.31 -12.38 -9.76
N ARG A 405 28.45 -11.37 -9.69
CA ARG A 405 28.94 -10.01 -9.50
C ARG A 405 29.63 -9.87 -8.14
N ALA A 406 29.01 -10.41 -7.09
CA ALA A 406 29.60 -10.31 -5.76
C ALA A 406 30.90 -11.10 -5.68
N LEU A 407 30.94 -12.29 -6.28
CA LEU A 407 32.15 -13.08 -6.24
C LEU A 407 33.29 -12.42 -7.01
N SER A 408 32.96 -11.72 -8.09
CA SER A 408 34.01 -11.12 -8.90
C SER A 408 34.79 -10.06 -8.13
N HIS A 409 34.13 -9.38 -7.19
CA HIS A 409 34.79 -8.30 -6.46
C HIS A 409 35.79 -8.80 -5.43
N THR A 410 35.85 -10.10 -5.16
CA THR A 410 36.76 -10.65 -4.18
C THR A 410 37.84 -11.51 -4.83
N LEU A 411 38.25 -11.15 -6.04
CA LEU A 411 39.30 -11.84 -6.75
C LEU A 411 40.36 -10.84 -7.18
N ASN A 412 41.62 -11.19 -7.00
CA ASN A 412 42.67 -10.29 -7.45
C ASN A 412 42.76 -10.33 -8.97
N LYS A 413 43.46 -9.34 -9.53
CA LYS A 413 43.52 -9.18 -10.98
C LYS A 413 44.13 -10.39 -11.67
N LYS A 414 44.98 -11.15 -10.98
CA LYS A 414 45.71 -12.23 -11.61
C LYS A 414 45.10 -13.60 -11.32
N HIS A 415 43.86 -13.64 -10.83
CA HIS A 415 43.24 -14.91 -10.52
C HIS A 415 42.89 -15.67 -11.80
N LYS A 416 42.98 -17.00 -11.72
CA LYS A 416 42.63 -17.84 -12.85
C LYS A 416 41.12 -17.77 -13.11
N PRO A 417 40.69 -18.03 -14.33
CA PRO A 417 39.25 -18.10 -14.60
C PRO A 417 38.60 -19.23 -13.83
N ILE A 418 37.34 -19.01 -13.46
CA ILE A 418 36.57 -19.99 -12.70
C ILE A 418 36.07 -21.08 -13.65
N PRO A 419 36.36 -22.35 -13.38
CA PRO A 419 35.82 -23.42 -14.23
C PRO A 419 34.31 -23.51 -14.13
N PHE A 420 33.68 -23.94 -15.23
CA PHE A 420 32.23 -24.05 -15.25
C PHE A 420 31.73 -25.09 -14.26
N ILE A 421 32.50 -26.15 -14.02
CA ILE A 421 32.06 -27.21 -13.12
C ILE A 421 31.79 -26.65 -11.73
N TYR A 422 32.66 -25.75 -11.26
CA TYR A 422 32.43 -25.13 -9.96
C TYR A 422 31.19 -24.26 -9.97
N LEU A 423 30.99 -23.48 -11.03
CA LEU A 423 29.82 -22.61 -11.09
C LEU A 423 28.53 -23.40 -11.15
N GLU A 424 28.51 -24.49 -11.92
CA GLU A 424 27.30 -25.31 -11.99
C GLU A 424 26.94 -25.88 -10.62
N ASN A 425 27.95 -26.30 -9.86
CA ASN A 425 27.70 -26.79 -8.51
C ASN A 425 27.16 -25.66 -7.64
N MET A 426 27.65 -24.45 -7.83
CA MET A 426 27.26 -23.32 -6.99
C MET A 426 25.87 -22.81 -7.34
N LEU A 427 25.66 -22.45 -8.60
CA LEU A 427 24.46 -21.74 -9.01
C LEU A 427 23.36 -22.67 -9.53
N LEU A 428 23.59 -23.97 -9.57
CA LEU A 428 22.60 -24.93 -10.07
C LEU A 428 22.16 -24.59 -11.50
N PHE A 429 23.12 -24.67 -12.42
CA PHE A 429 22.80 -24.62 -13.84
C PHE A 429 22.46 -26.03 -14.30
N ASN A 430 21.39 -26.14 -15.08
CA ASN A 430 20.92 -27.45 -15.49
C ASN A 430 21.95 -28.16 -16.38
N ASN A 431 22.60 -27.41 -17.26
CA ASN A 431 23.56 -28.02 -18.16
C ASN A 431 24.57 -26.97 -18.61
N ARG A 432 25.68 -27.45 -19.17
CA ARG A 432 26.73 -26.55 -19.63
C ARG A 432 26.25 -25.62 -20.74
N GLN A 433 25.23 -26.02 -21.48
CA GLN A 433 24.67 -25.12 -22.48
C GLN A 433 23.94 -23.95 -21.83
N GLU A 434 23.41 -24.15 -20.62
CA GLU A 434 22.69 -23.06 -19.98
C GLU A 434 23.64 -22.01 -19.42
N ILE A 435 24.75 -22.44 -18.83
CA ILE A 435 25.69 -21.48 -18.26
C ILE A 435 26.35 -20.65 -19.34
N ILE A 436 26.71 -21.29 -20.46
CA ILE A 436 27.42 -20.57 -21.52
C ILE A 436 26.53 -19.48 -22.11
N GLU A 437 25.22 -19.72 -22.20
CA GLU A 437 24.31 -18.67 -22.63
C GLU A 437 24.27 -17.54 -21.61
N PHE A 438 24.31 -17.88 -20.33
CA PHE A 438 24.29 -16.84 -19.30
C PHE A 438 25.55 -15.98 -19.35
N CYS A 439 26.71 -16.62 -19.44
CA CYS A 439 27.95 -15.86 -19.53
C CYS A 439 27.98 -15.04 -20.81
N ASN A 440 27.50 -15.60 -21.91
CA ASN A 440 27.50 -14.88 -23.17
C ASN A 440 26.54 -13.70 -23.15
N TYR A 441 25.44 -13.81 -22.41
CA TYR A 441 24.47 -12.71 -22.36
C TYR A 441 25.05 -11.48 -21.67
N TYR A 442 25.77 -11.68 -20.56
CA TYR A 442 26.32 -10.58 -19.79
C TYR A 442 27.72 -10.20 -20.23
N SER A 443 28.12 -10.59 -21.43
CA SER A 443 29.44 -10.25 -21.98
C SER A 443 30.56 -10.71 -21.04
N ILE A 444 30.38 -11.89 -20.45
CA ILE A 444 31.41 -12.50 -19.63
C ILE A 444 32.30 -13.33 -20.53
N GLU A 445 33.60 -13.04 -20.53
CA GLU A 445 34.54 -13.79 -21.34
C GLU A 445 34.55 -15.24 -20.90
N ILE A 446 34.66 -16.14 -21.87
CA ILE A 446 34.69 -17.58 -21.62
C ILE A 446 36.00 -18.11 -22.15
N ILE A 447 36.70 -18.90 -21.34
CA ILE A 447 38.04 -19.39 -21.65
C ILE A 447 37.98 -20.89 -21.83
N ASN A 448 38.50 -21.36 -22.97
CA ASN A 448 38.61 -22.79 -23.29
C ASN A 448 37.27 -23.50 -23.31
N GLY A 449 36.17 -22.74 -23.36
CA GLY A 449 34.86 -23.36 -23.40
C GLY A 449 34.45 -24.06 -22.12
N ASP A 450 35.21 -23.92 -21.04
CA ASP A 450 34.82 -24.54 -19.78
C ASP A 450 35.10 -23.66 -18.56
N ALA A 451 35.59 -22.43 -18.75
CA ALA A 451 35.89 -21.57 -17.62
C ALA A 451 35.42 -20.17 -17.93
N ALA A 452 35.04 -19.44 -16.88
CA ALA A 452 34.55 -18.09 -16.98
C ALA A 452 35.53 -17.13 -16.32
N ASP A 453 35.85 -16.04 -17.00
CA ASP A 453 36.80 -15.05 -16.51
C ASP A 453 36.01 -13.90 -15.90
N LEU A 454 35.73 -14.01 -14.60
CA LEU A 454 34.80 -13.10 -13.95
C LEU A 454 35.30 -11.66 -13.91
N LYS A 455 36.59 -11.43 -14.06
CA LYS A 455 37.08 -10.06 -14.01
C LYS A 455 36.65 -9.23 -15.21
N THR A 456 36.13 -9.86 -16.26
CA THR A 456 35.68 -9.14 -17.44
C THR A 456 34.24 -8.68 -17.33
N LEU A 457 33.54 -9.00 -16.25
CA LEU A 457 32.19 -8.52 -16.06
C LEU A 457 32.22 -7.02 -15.83
N GLN A 458 31.38 -6.29 -16.56
CA GLN A 458 31.32 -4.84 -16.44
C GLN A 458 30.00 -4.32 -15.89
N HIS A 459 28.90 -5.04 -16.10
CA HIS A 459 27.61 -4.55 -15.69
C HIS A 459 27.44 -4.68 -14.18
N TYR A 460 26.91 -3.64 -13.56
CA TYR A 460 26.58 -3.67 -12.15
C TYR A 460 25.10 -3.93 -11.88
N SER A 461 24.30 -4.08 -12.92
CA SER A 461 22.87 -4.33 -12.78
C SER A 461 22.48 -5.53 -13.61
N HIS A 462 21.49 -6.27 -13.12
CA HIS A 462 21.03 -7.44 -13.84
C HIS A 462 20.35 -7.08 -15.15
N LYS A 463 19.96 -5.83 -15.33
CA LYS A 463 19.25 -5.39 -16.53
C LYS A 463 20.17 -4.54 -17.41
N LEU A 464 20.09 -4.77 -18.71
CA LEU A 464 20.76 -3.95 -19.69
C LEU A 464 19.72 -3.12 -20.43
N SER A 465 19.96 -1.81 -20.52
CA SER A 465 18.95 -0.91 -21.09
C SER A 465 18.66 -1.25 -22.55
N GLU A 466 19.70 -1.49 -23.34
CA GLU A 466 19.48 -1.73 -24.77
C GLU A 466 18.91 -3.11 -25.02
N THR A 467 19.43 -4.12 -24.33
CA THR A 467 19.15 -5.50 -24.67
C THR A 467 17.86 -5.98 -24.03
N GLN A 468 17.17 -6.89 -24.73
CA GLN A 468 15.99 -7.54 -24.17
C GLN A 468 16.39 -8.42 -22.99
N PRO A 469 15.53 -8.52 -21.97
CA PRO A 469 15.85 -9.37 -20.82
C PRO A 469 16.07 -10.82 -21.23
N LEU A 470 16.99 -11.47 -20.53
CA LEU A 470 17.28 -12.87 -20.81
C LEU A 470 16.08 -13.74 -20.50
N LYS A 471 15.88 -14.78 -21.31
CA LYS A 471 14.74 -15.66 -21.16
C LYS A 471 14.76 -16.34 -19.79
N LYS A 472 13.58 -16.45 -19.18
CA LYS A 472 13.47 -17.09 -17.88
C LYS A 472 13.83 -18.56 -17.98
N THR A 473 14.46 -19.08 -16.93
CA THR A 473 14.86 -20.47 -16.85
C THR A 473 14.20 -21.12 -15.64
N TYR A 474 14.54 -22.38 -15.40
CA TYR A 474 13.96 -23.16 -14.33
C TYR A 474 15.02 -24.06 -13.73
N LEU A 475 14.62 -24.87 -12.75
CA LEU A 475 15.51 -25.81 -12.11
C LEU A 475 15.05 -27.23 -12.44
N THR A 476 16.01 -28.09 -12.79
CA THR A 476 15.66 -29.47 -13.12
C THR A 476 15.13 -30.20 -11.89
N CYS A 477 15.52 -29.78 -10.70
CA CYS A 477 15.01 -30.43 -9.49
C CYS A 477 13.50 -30.24 -9.37
N LEU A 478 13.02 -29.03 -9.64
CA LEU A 478 11.58 -28.79 -9.55
C LEU A 478 10.84 -29.48 -10.68
N GLU A 479 11.37 -29.42 -11.91
CA GLU A 479 10.71 -30.07 -13.03
C GLU A 479 10.60 -31.57 -12.83
N ARG A 480 11.68 -32.20 -12.35
CA ARG A 480 11.62 -33.62 -12.06
C ARG A 480 10.61 -33.90 -10.95
N ARG A 481 10.53 -33.01 -9.96
CA ARG A 481 9.58 -33.18 -8.87
C ARG A 481 8.15 -33.03 -9.37
N LEU A 482 7.91 -32.15 -10.33
CA LEU A 482 6.56 -31.94 -10.84
C LEU A 482 6.03 -33.18 -11.54
N GLN A 483 6.90 -33.89 -12.28
CA GLN A 483 6.47 -35.03 -13.07
C GLN A 483 5.96 -36.19 -12.22
N LYS A 484 6.20 -36.17 -10.92
CA LYS A 484 5.75 -37.23 -10.03
C LYS A 484 4.39 -36.94 -9.41
N THR A 485 3.75 -35.84 -9.79
CA THR A 485 2.45 -35.48 -9.24
C THR A 485 1.58 -34.89 -10.34
N THR A 486 0.31 -35.26 -10.35
CA THR A 486 -0.61 -34.75 -11.35
C THR A 486 -0.91 -33.27 -11.11
N TYR A 487 -1.38 -32.60 -12.15
CA TYR A 487 -1.70 -31.18 -12.04
C TYR A 487 -2.87 -30.97 -11.09
N LYS A 488 -3.96 -31.70 -11.29
CA LYS A 488 -5.17 -31.46 -10.50
C LYS A 488 -4.93 -31.80 -9.03
N GLY A 489 -4.17 -32.86 -8.76
CA GLY A 489 -3.85 -33.19 -7.39
C GLY A 489 -3.06 -32.10 -6.71
N LEU A 490 -2.21 -31.41 -7.47
CA LEU A 490 -1.43 -30.32 -6.91
C LEU A 490 -2.27 -29.07 -6.70
N ILE A 491 -3.16 -28.76 -7.65
CA ILE A 491 -3.92 -27.51 -7.59
C ILE A 491 -4.90 -27.55 -6.42
N ASN A 492 -5.65 -28.64 -6.29
CA ASN A 492 -6.60 -28.73 -5.19
C ASN A 492 -5.89 -28.74 -3.85
N GLY A 493 -4.78 -29.46 -3.75
CA GLY A 493 -4.00 -29.50 -2.52
C GLY A 493 -4.19 -30.78 -1.73
N ASP B 2 -33.28 34.55 25.75
CA ASP B 2 -32.42 35.15 24.74
C ASP B 2 -30.96 34.83 25.03
N MET B 3 -30.74 33.79 25.84
CA MET B 3 -29.38 33.39 26.18
C MET B 3 -28.62 32.95 24.93
N ALA B 4 -29.31 32.27 24.01
CA ALA B 4 -28.68 31.90 22.75
C ALA B 4 -28.23 33.13 21.97
N ASN B 5 -29.07 34.17 21.94
CA ASN B 5 -28.72 35.39 21.21
C ASN B 5 -27.47 36.03 21.80
N GLN B 6 -27.33 35.98 23.12
CA GLN B 6 -26.09 36.45 23.74
C GLN B 6 -24.90 35.65 23.25
N LEU B 7 -25.04 34.32 23.17
CA LEU B 7 -23.94 33.48 22.72
C LEU B 7 -23.54 33.82 21.29
N LEU B 8 -24.53 34.04 20.42
CA LEU B 8 -24.23 34.37 19.03
C LEU B 8 -23.50 35.71 18.93
N ASP B 9 -23.93 36.70 19.72
CA ASP B 9 -23.23 37.97 19.75
C ASP B 9 -21.79 37.79 20.20
N GLU B 10 -21.58 36.98 21.24
CA GLU B 10 -20.22 36.65 21.66
C GLU B 10 -19.49 35.87 20.58
N LEU B 11 -20.17 34.92 19.95
CA LEU B 11 -19.52 34.08 18.94
C LEU B 11 -19.14 34.89 17.71
N ALA B 12 -20.01 35.81 17.29
CA ALA B 12 -19.74 36.59 16.08
C ALA B 12 -18.63 37.61 16.27
N HIS B 13 -18.17 37.83 17.48
CA HIS B 13 -17.12 38.80 17.76
C HIS B 13 -15.76 38.16 17.96
N GLY B 14 -15.61 36.89 17.60
CA GLY B 14 -14.34 36.22 17.73
C GLY B 14 -14.01 35.72 19.12
N ASN B 15 -14.92 35.87 20.08
CA ASN B 15 -14.72 35.32 21.42
C ASN B 15 -15.31 33.91 21.42
N PHE B 16 -14.44 32.91 21.31
CA PHE B 16 -14.86 31.52 21.29
C PHE B 16 -14.60 30.83 22.62
N SER B 17 -14.79 31.56 23.72
CA SER B 17 -14.59 30.96 25.04
C SER B 17 -15.59 29.84 25.29
N HIS B 18 -16.83 30.02 24.84
CA HIS B 18 -17.88 29.03 25.06
C HIS B 18 -18.01 28.03 23.91
N LEU B 19 -17.14 28.11 22.90
CA LEU B 19 -17.21 27.22 21.74
C LEU B 19 -16.26 26.06 21.97
N THR B 20 -16.73 25.03 22.66
CA THR B 20 -15.91 23.86 22.93
C THR B 20 -16.80 22.64 23.13
N LEU B 21 -16.25 21.47 22.82
CA LEU B 21 -16.97 20.22 22.97
C LEU B 21 -16.70 19.54 24.30
N ASN B 22 -15.86 20.11 25.15
CA ASN B 22 -15.56 19.53 26.46
C ASN B 22 -16.61 20.04 27.43
N LEU B 23 -17.58 19.19 27.75
CA LEU B 23 -18.66 19.60 28.64
C LEU B 23 -18.18 19.82 30.07
N SER B 24 -17.00 19.31 30.42
CA SER B 24 -16.50 19.49 31.78
C SER B 24 -16.31 20.97 32.10
N GLN B 25 -16.04 21.79 31.10
CA GLN B 25 -15.91 23.23 31.28
C GLN B 25 -16.95 24.00 30.49
N ASN B 26 -17.96 23.32 29.95
CA ASN B 26 -18.96 23.98 29.14
C ASN B 26 -20.37 23.46 29.40
N GLY B 27 -20.54 22.57 30.39
CA GLY B 27 -21.82 21.91 30.56
C GLY B 27 -22.95 22.84 30.97
N ARG B 28 -22.68 23.75 31.90
CA ARG B 28 -23.73 24.61 32.41
C ARG B 28 -24.32 25.47 31.30
N GLU B 29 -23.47 26.02 30.44
CA GLU B 29 -23.96 26.86 29.36
C GLU B 29 -24.84 26.08 28.40
N ILE B 30 -24.45 24.85 28.09
CA ILE B 30 -25.21 24.04 27.14
C ILE B 30 -26.58 23.71 27.70
N ALA B 31 -26.65 23.32 28.97
CA ALA B 31 -27.92 22.90 29.56
C ALA B 31 -28.93 24.04 29.52
N ILE B 32 -28.49 25.26 29.83
CA ILE B 32 -29.35 26.42 29.65
C ILE B 32 -29.70 26.58 28.18
N LEU B 33 -28.70 26.41 27.31
CA LEU B 33 -28.95 26.54 25.88
C LEU B 33 -29.91 25.48 25.37
N GLN B 34 -29.73 24.24 25.81
CA GLN B 34 -30.61 23.17 25.37
C GLN B 34 -32.03 23.37 25.90
N LYS B 35 -32.15 23.89 27.12
CA LYS B 35 -33.46 24.22 27.64
C LYS B 35 -34.16 25.27 26.79
N GLN B 36 -33.43 26.31 26.38
CA GLN B 36 -34.04 27.38 25.60
C GLN B 36 -34.25 26.96 24.15
N LEU B 37 -33.32 26.19 23.58
CA LEU B 37 -33.35 25.91 22.16
C LEU B 37 -34.15 24.66 21.81
N THR B 38 -34.71 23.96 22.81
CA THR B 38 -35.44 22.74 22.51
C THR B 38 -36.71 23.05 21.72
N GLY B 39 -37.14 22.09 20.92
CA GLY B 39 -38.31 22.28 20.09
C GLY B 39 -38.13 23.33 19.01
N PHE B 40 -36.98 23.33 18.34
CA PHE B 40 -36.72 24.26 17.26
C PHE B 40 -36.36 23.46 16.00
N ASP B 41 -36.97 23.84 14.87
CA ASP B 41 -36.65 23.21 13.62
C ASP B 41 -35.25 23.62 13.16
N ASP B 42 -34.64 22.77 12.32
CA ASP B 42 -33.31 23.07 11.81
C ASP B 42 -33.32 24.33 10.98
N LYS B 43 -34.35 24.52 10.15
CA LYS B 43 -34.47 25.76 9.39
C LYS B 43 -34.59 26.96 10.30
N GLN B 44 -35.25 26.80 11.45
CA GLN B 44 -35.34 27.90 12.41
C GLN B 44 -33.96 28.28 12.92
N LEU B 45 -33.10 27.29 13.18
CA LEU B 45 -31.74 27.59 13.59
C LEU B 45 -30.98 28.32 12.51
N GLU B 46 -31.14 27.88 11.25
CA GLU B 46 -30.48 28.56 10.14
C GLU B 46 -30.96 30.00 10.04
N THR B 47 -32.28 30.20 10.12
CA THR B 47 -32.81 31.56 10.09
C THR B 47 -32.38 32.35 11.32
N PHE B 48 -32.23 31.68 12.45
CA PHE B 48 -31.76 32.38 13.65
C PHE B 48 -30.37 32.94 13.46
N VAL B 49 -29.47 32.17 12.85
CA VAL B 49 -28.12 32.66 12.59
C VAL B 49 -28.12 33.71 11.50
N GLU B 50 -28.87 33.47 10.41
CA GLU B 50 -28.83 34.38 9.27
C GLU B 50 -29.30 35.78 9.66
N GLN B 51 -30.44 35.86 10.36
CA GLN B 51 -30.97 37.17 10.73
C GLN B 51 -30.15 37.83 11.84
N HIS B 52 -29.32 37.08 12.53
CA HIS B 52 -28.57 37.63 13.64
C HIS B 52 -27.56 38.65 13.14
N PRO B 53 -27.52 39.85 13.70
CA PRO B 53 -26.56 40.86 13.26
C PRO B 53 -25.14 40.47 13.63
N ALA B 54 -24.19 41.25 13.13
CA ALA B 54 -22.77 41.11 13.40
C ALA B 54 -22.21 39.77 12.93
N MET B 55 -22.99 38.98 12.22
CA MET B 55 -22.51 37.70 11.71
C MET B 55 -21.81 37.90 10.37
N PRO B 56 -20.59 37.40 10.21
CA PRO B 56 -19.89 37.56 8.93
C PRO B 56 -20.67 36.91 7.79
N ASN B 57 -20.55 37.50 6.61
CA ASN B 57 -21.31 37.05 5.46
C ASN B 57 -20.81 35.71 4.91
N ASP B 58 -19.67 35.22 5.37
CA ASP B 58 -19.14 33.97 4.85
C ASP B 58 -20.07 32.82 5.18
N THR B 59 -20.42 32.03 4.17
CA THR B 59 -21.33 30.91 4.38
C THR B 59 -20.70 29.85 5.27
N ARG B 60 -19.43 29.54 5.04
CA ARG B 60 -18.80 28.45 5.78
C ARG B 60 -18.74 28.74 7.27
N PHE B 61 -18.46 29.99 7.64
CA PHE B 61 -18.45 30.34 9.06
C PHE B 61 -19.85 30.24 9.65
N LYS B 62 -20.86 30.67 8.91
CA LYS B 62 -22.23 30.60 9.42
C LYS B 62 -22.67 29.15 9.62
N ILE B 63 -22.28 28.26 8.70
CA ILE B 63 -22.66 26.85 8.84
C ILE B 63 -22.09 26.28 10.13
N MET B 64 -20.86 26.66 10.47
CA MET B 64 -20.24 26.15 11.69
C MET B 64 -21.03 26.57 12.93
N CYS B 65 -21.48 27.82 12.95
CA CYS B 65 -22.30 28.28 14.07
C CYS B 65 -23.62 27.52 14.15
N THR B 66 -24.25 27.29 13.00
CA THR B 66 -25.49 26.54 12.98
C THR B 66 -25.27 25.11 13.48
N SER B 67 -24.18 24.47 13.05
CA SER B 67 -23.91 23.11 13.48
C SER B 67 -23.71 23.05 14.99
N PHE B 68 -23.01 24.04 15.56
CA PHE B 68 -22.84 24.07 17.01
C PHE B 68 -24.17 24.26 17.72
N LEU B 69 -25.01 25.18 17.22
CA LEU B 69 -26.34 25.33 17.80
C LEU B 69 -27.15 24.04 17.65
N ASN B 70 -27.06 23.42 16.48
CA ASN B 70 -27.72 22.13 16.28
C ASN B 70 -27.15 21.08 17.21
N TYR B 71 -25.84 21.11 17.44
CA TYR B 71 -25.23 20.17 18.37
C TYR B 71 -25.76 20.38 19.79
N ALA B 72 -25.86 21.62 20.22
CA ALA B 72 -26.29 21.89 21.59
C ALA B 72 -27.73 21.43 21.81
N ARG B 73 -28.56 21.55 20.78
CA ARG B 73 -29.97 21.19 20.93
C ARG B 73 -30.13 19.70 21.22
N ASP B 74 -29.38 18.85 20.52
CA ASP B 74 -29.61 17.42 20.53
C ASP B 74 -28.54 16.63 21.28
N VAL B 75 -27.68 17.30 22.05
CA VAL B 75 -26.64 16.57 22.78
C VAL B 75 -27.27 15.78 23.91
N ASP B 76 -26.85 14.53 24.06
CA ASP B 76 -27.27 13.68 25.17
C ASP B 76 -26.05 13.25 25.96
N PRO B 77 -25.76 13.90 27.10
CA PRO B 77 -24.55 13.56 27.84
C PRO B 77 -24.51 12.14 28.35
N TRP B 78 -25.66 11.49 28.52
CA TRP B 78 -25.70 10.15 29.09
C TRP B 78 -25.16 9.09 28.15
N SER B 79 -24.98 9.39 26.86
CA SER B 79 -24.54 8.38 25.91
C SER B 79 -23.66 9.06 24.86
N ALA B 80 -22.35 8.86 24.96
CA ALA B 80 -21.44 9.45 23.99
C ALA B 80 -21.68 8.90 22.60
N TRP B 81 -22.01 7.61 22.50
CA TRP B 81 -22.26 7.02 21.18
C TRP B 81 -23.43 7.68 20.49
N SER B 82 -24.53 7.91 21.22
CA SER B 82 -25.69 8.54 20.60
C SER B 82 -25.40 9.99 20.21
N SER B 83 -24.44 10.62 20.86
CA SER B 83 -24.06 11.99 20.57
C SER B 83 -22.92 12.09 19.58
N SER B 84 -22.44 10.96 19.05
CA SER B 84 -21.27 11.00 18.17
C SER B 84 -21.53 11.78 16.90
N ASP B 85 -22.70 11.61 16.31
CA ASP B 85 -22.98 12.24 15.01
C ASP B 85 -22.90 13.75 15.11
N LEU B 86 -23.44 14.33 16.19
CA LEU B 86 -23.39 15.77 16.35
C LEU B 86 -21.95 16.25 16.52
N ILE B 87 -21.17 15.54 17.31
CA ILE B 87 -19.81 15.98 17.61
C ILE B 87 -18.95 15.96 16.37
N PHE B 88 -18.96 14.85 15.63
CA PHE B 88 -18.12 14.76 14.44
C PHE B 88 -18.60 15.70 13.35
N GLU B 89 -19.91 15.92 13.24
CA GLU B 89 -20.39 16.89 12.25
C GLU B 89 -19.94 18.30 12.59
N PHE B 90 -19.96 18.67 13.87
CA PHE B 90 -19.47 19.98 14.25
C PHE B 90 -17.99 20.12 13.99
N TYR B 91 -17.21 19.09 14.33
CA TYR B 91 -15.77 19.18 14.16
C TYR B 91 -15.38 19.33 12.70
N GLN B 92 -15.99 18.53 11.83
CA GLN B 92 -15.68 18.63 10.41
C GLN B 92 -16.02 20.02 9.88
N CYS B 93 -17.15 20.56 10.31
CA CYS B 93 -17.52 21.90 9.89
C CYS B 93 -16.57 22.95 10.47
N LEU B 94 -16.06 22.71 11.68
CA LEU B 94 -15.11 23.64 12.27
C LEU B 94 -13.83 23.71 11.45
N ILE B 95 -13.25 22.55 11.15
CA ILE B 95 -12.04 22.53 10.33
C ILE B 95 -12.32 23.09 8.96
N ASN B 96 -13.50 22.78 8.40
CA ASN B 96 -13.87 23.32 7.10
C ASN B 96 -13.92 24.84 7.14
N CYS B 97 -14.39 25.40 8.26
CA CYS B 97 -14.35 26.85 8.44
C CYS B 97 -12.93 27.37 8.45
N LEU B 98 -11.96 26.53 8.78
CA LEU B 98 -10.58 26.93 8.90
C LEU B 98 -9.79 26.78 7.60
N ILE B 99 -10.38 26.18 6.56
CA ILE B 99 -9.63 25.89 5.34
C ILE B 99 -9.21 27.18 4.65
N ASN B 100 -10.14 28.09 4.45
CA ASN B 100 -9.83 29.32 3.74
C ASN B 100 -8.93 30.20 4.60
N ASP B 101 -7.83 30.67 4.02
CA ASP B 101 -6.88 31.49 4.74
C ASP B 101 -7.41 32.89 5.03
N ASN B 102 -8.53 33.27 4.43
CA ASN B 102 -9.16 34.56 4.70
C ASN B 102 -10.48 34.43 5.43
N ALA B 103 -10.72 33.30 6.08
CA ALA B 103 -11.96 33.13 6.82
C ALA B 103 -12.01 34.11 7.98
N PRO B 104 -13.19 34.63 8.31
CA PRO B 104 -13.27 35.63 9.39
C PRO B 104 -12.84 35.05 10.72
N HIS B 105 -12.19 35.89 11.53
CA HIS B 105 -11.77 35.54 12.87
C HIS B 105 -10.88 34.30 12.89
N ILE B 106 -10.10 34.10 11.84
CA ILE B 106 -9.26 32.91 11.77
C ILE B 106 -8.17 32.97 12.82
N GLU B 107 -7.75 34.17 13.21
CA GLU B 107 -6.68 34.30 14.19
C GLU B 107 -7.08 33.68 15.53
N MET B 108 -8.29 33.98 16.00
CA MET B 108 -8.77 33.39 17.24
C MET B 108 -9.32 31.99 17.04
N LEU B 109 -9.57 31.59 15.80
CA LEU B 109 -10.12 30.27 15.55
C LEU B 109 -9.07 29.18 15.71
N ILE B 110 -7.81 29.50 15.42
CA ILE B 110 -6.77 28.47 15.47
C ILE B 110 -6.65 27.81 16.84
N PRO B 111 -6.59 28.55 17.95
CA PRO B 111 -6.48 27.87 19.25
C PRO B 111 -7.64 26.94 19.53
N VAL B 112 -8.84 27.26 19.04
CA VAL B 112 -9.98 26.37 19.22
C VAL B 112 -9.76 25.06 18.47
N ALA B 113 -9.30 25.14 17.23
CA ALA B 113 -9.14 23.94 16.41
C ALA B 113 -8.13 22.98 17.03
N THR B 114 -7.01 23.52 17.53
CA THR B 114 -6.06 22.67 18.24
C THR B 114 -6.69 22.09 19.50
N ARG B 115 -7.45 22.90 20.22
CA ARG B 115 -8.08 22.41 21.45
C ARG B 115 -9.11 21.34 21.16
N GLU B 116 -9.91 21.51 20.10
CA GLU B 116 -10.93 20.52 19.78
C GLU B 116 -10.31 19.26 19.20
N THR B 117 -9.25 19.40 18.40
CA THR B 117 -8.70 18.24 17.71
C THR B 117 -8.22 17.20 18.70
N GLU B 118 -7.50 17.62 19.74
CA GLU B 118 -7.05 16.67 20.74
C GLU B 118 -8.21 16.05 21.51
N PHE B 119 -9.37 16.70 21.53
CA PHE B 119 -10.53 16.09 22.17
C PHE B 119 -11.13 14.99 21.30
N ILE B 120 -11.26 15.23 20.00
CA ILE B 120 -11.91 14.25 19.14
C ILE B 120 -11.06 12.99 19.03
N ILE B 121 -9.74 13.16 18.96
CA ILE B 121 -8.85 12.00 18.86
C ILE B 121 -9.04 11.09 20.06
N ASN B 122 -9.15 11.67 21.25
CA ASN B 122 -9.45 10.86 22.43
C ASN B 122 -10.80 10.19 22.30
N LEU B 123 -11.81 10.92 21.84
CA LEU B 123 -13.13 10.32 21.67
C LEU B 123 -13.12 9.25 20.59
N ALA B 124 -12.49 9.54 19.46
CA ALA B 124 -12.50 8.58 18.35
C ALA B 124 -11.81 7.28 18.75
N GLY B 125 -10.68 7.39 19.45
CA GLY B 125 -10.03 6.19 19.94
C GLY B 125 -10.91 5.41 20.91
N LYS B 126 -11.63 6.14 21.77
CA LYS B 126 -12.52 5.48 22.71
C LYS B 126 -13.65 4.76 21.99
N LEU B 127 -14.19 5.36 20.94
CA LEU B 127 -15.29 4.73 20.22
C LEU B 127 -14.80 3.55 19.38
N ASP B 128 -13.67 3.71 18.70
CA ASP B 128 -13.20 2.66 17.80
C ASP B 128 -12.84 1.37 18.54
N SER B 129 -12.69 1.44 19.87
CA SER B 129 -12.45 0.22 20.63
C SER B 129 -13.66 -0.69 20.65
N PHE B 130 -14.83 -0.20 20.26
CA PHE B 130 -16.06 -0.98 20.23
C PHE B 130 -16.58 -1.12 18.81
N HIS B 131 -15.67 -1.35 17.85
CA HIS B 131 -16.09 -1.43 16.46
C HIS B 131 -16.96 -2.65 16.19
N LEU B 132 -16.78 -3.72 16.97
CA LEU B 132 -17.64 -4.89 16.81
C LEU B 132 -19.07 -4.58 17.21
N GLN B 133 -19.26 -4.00 18.40
CA GLN B 133 -20.60 -3.75 18.91
C GLN B 133 -21.30 -2.66 18.13
N LEU B 134 -20.55 -1.78 17.47
CA LEU B 134 -21.11 -0.66 16.74
C LEU B 134 -21.30 -0.96 15.25
N HIS B 135 -21.00 -2.17 14.81
CA HIS B 135 -21.15 -2.57 13.41
C HIS B 135 -20.36 -1.65 12.49
N THR B 136 -19.18 -1.23 12.93
CA THR B 136 -18.29 -0.40 12.14
C THR B 136 -16.95 -1.09 11.98
N ARG B 137 -16.30 -0.83 10.86
CA ARG B 137 -14.98 -1.39 10.62
C ARG B 137 -13.98 -0.81 11.61
N SER B 138 -12.93 -1.57 11.90
CA SER B 138 -11.94 -1.14 12.87
C SER B 138 -11.24 0.12 12.38
N HIS B 139 -10.92 1.01 13.31
CA HIS B 139 -10.23 2.26 13.03
C HIS B 139 -10.97 3.08 11.96
N GLN B 140 -12.26 3.30 12.19
CA GLN B 140 -13.04 4.09 11.26
C GLN B 140 -13.21 5.54 11.70
N PHE B 141 -13.37 5.77 13.01
CA PHE B 141 -13.46 7.15 13.49
C PHE B 141 -12.14 7.89 13.30
N LEU B 142 -11.02 7.24 13.65
CA LEU B 142 -9.72 7.87 13.43
C LEU B 142 -9.48 8.11 11.95
N SER B 143 -9.80 7.13 11.11
CA SER B 143 -9.57 7.28 9.69
C SER B 143 -10.36 8.45 9.13
N HIS B 144 -11.56 8.70 9.67
CA HIS B 144 -12.33 9.85 9.23
C HIS B 144 -11.63 11.15 9.60
N ILE B 145 -11.07 11.22 10.81
CA ILE B 145 -10.42 12.45 11.25
C ILE B 145 -9.20 12.75 10.41
N SER B 146 -8.41 11.72 10.09
CA SER B 146 -7.22 11.93 9.27
C SER B 146 -7.58 12.59 7.95
N SER B 147 -8.68 12.16 7.34
CA SER B 147 -9.15 12.80 6.13
C SER B 147 -9.52 14.26 6.40
N ILE B 148 -10.14 14.53 7.55
CA ILE B 148 -10.49 15.90 7.88
C ILE B 148 -9.23 16.76 7.99
N LEU B 149 -8.23 16.27 8.72
CA LEU B 149 -7.01 17.03 8.88
C LEU B 149 -6.21 17.09 7.58
N SER B 150 -6.29 16.05 6.76
CA SER B 150 -5.56 16.06 5.49
C SER B 150 -5.99 17.22 4.61
N ARG B 151 -7.30 17.51 4.59
CA ARG B 151 -7.77 18.70 3.89
C ARG B 151 -7.18 19.96 4.50
N LEU B 152 -7.13 20.04 5.83
CA LEU B 152 -6.54 21.21 6.47
C LEU B 152 -5.06 21.30 6.17
N PHE B 153 -4.35 20.17 6.23
CA PHE B 153 -2.92 20.20 5.98
C PHE B 153 -2.62 20.63 4.55
N ASN B 154 -3.41 20.15 3.58
CA ASN B 154 -3.20 20.57 2.21
C ASN B 154 -3.49 22.06 2.04
N SER B 155 -4.35 22.62 2.88
CA SER B 155 -4.69 24.03 2.77
C SER B 155 -3.56 24.95 3.23
N ILE B 156 -2.53 24.42 3.86
CA ILE B 156 -1.42 25.26 4.33
C ILE B 156 -0.53 25.58 3.14
N LYS B 157 -0.31 26.86 2.89
CA LYS B 157 0.57 27.32 1.83
C LYS B 157 1.33 28.53 2.35
N PRO B 158 2.65 28.56 2.17
CA PRO B 158 3.42 29.71 2.64
C PRO B 158 3.05 30.95 1.86
N PRO B 159 3.07 32.13 2.49
CA PRO B 159 2.73 33.40 1.84
C PRO B 159 3.65 33.76 0.69
N ASN B 167 6.20 38.12 10.10
CA ASN B 167 4.85 37.85 10.60
C ASN B 167 4.48 36.39 10.39
N ILE B 168 3.95 35.76 11.44
CA ILE B 168 3.61 34.35 11.43
C ILE B 168 2.08 34.24 11.39
N PRO B 169 1.51 33.79 10.28
CA PRO B 169 0.05 33.56 10.25
C PRO B 169 -0.35 32.45 11.20
N GLY B 170 -1.64 32.40 11.49
CA GLY B 170 -2.13 31.43 12.46
C GLY B 170 -1.88 30.00 12.02
N LYS B 171 -2.10 29.71 10.74
CA LYS B 171 -1.92 28.34 10.26
C LYS B 171 -0.47 27.88 10.38
N GLN B 172 0.47 28.73 9.98
CA GLN B 172 1.88 28.35 10.02
C GLN B 172 2.35 28.07 11.44
N ARG B 173 1.71 28.68 12.43
CA ARG B 173 2.08 28.43 13.81
C ARG B 173 1.77 27.00 14.23
N ILE B 174 0.83 26.33 13.57
CA ILE B 174 0.44 24.98 13.93
C ILE B 174 0.75 23.98 12.81
N LEU B 175 1.60 24.36 11.86
CA LEU B 175 1.89 23.45 10.76
C LEU B 175 2.53 22.17 11.27
N LEU B 176 3.49 22.29 12.18
CA LEU B 176 4.09 21.07 12.72
C LEU B 176 3.14 20.36 13.65
N TYR B 177 2.21 21.08 14.25
CA TYR B 177 1.21 20.42 15.09
C TYR B 177 0.35 19.46 14.28
N LEU B 178 -0.04 19.85 13.08
CA LEU B 178 -0.82 18.95 12.23
C LEU B 178 -0.02 17.73 11.84
N VAL B 179 1.25 17.93 11.47
CA VAL B 179 2.05 16.82 10.95
C VAL B 179 2.22 15.74 12.01
N ASN B 180 2.51 16.16 13.26
CA ASN B 180 2.60 15.17 14.33
C ASN B 180 1.27 14.50 14.58
N LYS B 181 0.17 15.26 14.54
CA LYS B 181 -1.14 14.65 14.71
C LYS B 181 -1.45 13.68 13.58
N LEU B 182 -1.19 14.09 12.34
CA LEU B 182 -1.51 13.24 11.21
C LEU B 182 -0.71 11.95 11.23
N ASN B 183 0.59 12.05 11.49
CA ASN B 183 1.43 10.85 11.47
C ASN B 183 1.05 9.89 12.59
N ASN B 184 0.75 10.41 13.78
CA ASN B 184 0.30 9.54 14.85
C ASN B 184 -0.99 8.83 14.46
N ILE B 185 -1.89 9.53 13.78
CA ILE B 185 -3.11 8.89 13.29
C ILE B 185 -2.76 7.79 12.31
N TYR B 186 -1.86 8.06 11.37
CA TYR B 186 -1.52 7.07 10.36
C TYR B 186 -0.87 5.85 10.97
N PHE B 187 0.00 6.05 11.97
CA PHE B 187 0.63 4.91 12.62
C PHE B 187 -0.36 4.10 13.45
N ARG B 188 -1.33 4.76 14.08
CA ARG B 188 -2.28 4.03 14.90
C ARG B 188 -3.26 3.22 14.07
N ILE B 189 -3.63 3.71 12.89
CA ILE B 189 -4.56 2.99 12.05
C ILE B 189 -3.80 1.98 11.20
N GLU B 190 -2.53 1.79 11.53
CA GLU B 190 -1.70 0.75 10.90
C GLU B 190 -1.59 0.96 9.39
N SER B 191 -1.47 2.21 8.98
CA SER B 191 -1.21 2.56 7.58
C SER B 191 -0.09 3.59 7.52
N PRO B 192 1.12 3.20 7.92
CA PRO B 192 2.20 4.20 8.01
C PRO B 192 2.67 4.70 6.66
N GLN B 193 2.46 3.93 5.59
CA GLN B 193 2.93 4.37 4.28
C GLN B 193 2.22 5.63 3.82
N LEU B 194 1.07 5.96 4.41
CA LEU B 194 0.39 7.20 4.08
C LEU B 194 1.16 8.41 4.55
N CYS B 195 2.06 8.25 5.52
CA CYS B 195 2.87 9.37 5.99
C CYS B 195 3.81 9.90 4.93
N SER B 196 4.09 9.13 3.88
CA SER B 196 5.08 9.54 2.89
C SER B 196 4.68 10.85 2.23
N ASN B 197 3.39 11.02 1.95
CA ASN B 197 2.93 12.27 1.37
C ASN B 197 3.16 13.44 2.33
N ILE B 198 2.96 13.20 3.62
CA ILE B 198 3.11 14.28 4.61
C ILE B 198 4.54 14.79 4.65
N PHE B 199 5.51 13.87 4.69
CA PHE B 199 6.90 14.28 4.80
C PHE B 199 7.36 15.01 3.55
N LYS B 200 6.94 14.55 2.38
CA LYS B 200 7.39 15.19 1.14
C LYS B 200 6.93 16.63 1.06
N ASN B 201 5.69 16.90 1.46
CA ASN B 201 5.12 18.23 1.33
C ASN B 201 5.32 19.09 2.58
N PHE B 202 5.92 18.55 3.63
CA PHE B 202 6.06 19.33 4.86
C PHE B 202 6.98 20.53 4.66
N GLN B 203 8.17 20.30 4.12
CA GLN B 203 9.12 21.39 3.95
C GLN B 203 8.63 22.48 3.02
N PRO B 204 8.09 22.19 1.82
CA PRO B 204 7.67 23.28 0.94
C PRO B 204 6.61 24.18 1.55
N LYS B 205 5.72 23.64 2.37
CA LYS B 205 4.65 24.45 2.94
C LYS B 205 5.16 25.37 4.04
N SER B 206 6.16 24.94 4.78
CA SER B 206 6.65 25.73 5.92
C SER B 206 7.32 27.01 5.44
N MET B 207 6.97 28.12 6.07
CA MET B 207 7.60 29.40 5.76
C MET B 207 8.75 29.73 6.69
N LEU B 208 9.04 28.87 7.67
CA LEU B 208 10.16 29.12 8.56
C LEU B 208 11.47 29.02 7.82
N ALA B 209 12.41 29.90 8.15
CA ALA B 209 13.71 29.88 7.50
C ALA B 209 14.47 28.60 7.81
N HIS B 210 14.41 28.14 9.05
CA HIS B 210 15.12 26.94 9.46
C HIS B 210 14.20 26.04 10.29
N PHE B 211 14.44 24.74 10.19
CA PHE B 211 13.59 23.79 10.89
C PHE B 211 13.68 23.93 12.40
N ASN B 212 14.84 24.34 12.91
CA ASN B 212 15.01 24.41 14.36
C ASN B 212 14.21 25.54 14.98
N GLU B 213 13.60 26.41 14.19
CA GLU B 213 12.81 27.50 14.75
C GLU B 213 11.47 27.03 15.32
N TYR B 214 11.04 25.81 15.01
CA TYR B 214 9.83 25.30 15.64
C TYR B 214 10.09 25.00 17.12
N GLN B 215 9.02 24.78 17.86
CA GLN B 215 9.17 24.47 19.27
C GLN B 215 9.96 23.17 19.43
N LEU B 216 10.78 23.12 20.47
CA LEU B 216 11.63 21.95 20.66
C LEU B 216 10.80 20.68 20.83
N ASP B 217 9.64 20.80 21.47
CA ASP B 217 8.78 19.64 21.64
C ASP B 217 8.33 19.08 20.30
N GLN B 218 7.83 19.95 19.43
CA GLN B 218 7.31 19.47 18.15
C GLN B 218 8.41 19.01 17.22
N GLN B 219 9.64 19.50 17.42
CA GLN B 219 10.75 18.99 16.64
C GLN B 219 11.05 17.54 17.00
N ILE B 220 11.10 17.23 18.29
CA ILE B 220 11.49 15.90 18.74
C ILE B 220 10.48 14.86 18.25
N GLU B 221 9.19 15.17 18.42
CA GLU B 221 8.16 14.22 18.02
C GLU B 221 8.20 13.98 16.52
N TYR B 222 8.46 15.03 15.74
CA TYR B 222 8.54 14.86 14.30
C TYR B 222 9.71 13.96 13.91
N ARG B 223 10.87 14.16 14.53
CA ARG B 223 12.01 13.30 14.23
C ARG B 223 11.72 11.87 14.63
N TYR B 224 11.08 11.67 15.78
CA TYR B 224 10.78 10.32 16.23
C TYR B 224 9.86 9.61 15.25
N LEU B 225 8.85 10.29 14.75
CA LEU B 225 7.97 9.66 13.77
C LEU B 225 8.67 9.49 12.43
N LEU B 226 9.50 10.46 12.04
CA LEU B 226 10.22 10.32 10.78
C LEU B 226 11.20 9.16 10.82
N GLY B 227 12.00 9.10 11.88
CA GLY B 227 12.93 7.98 12.01
C GLY B 227 12.21 6.66 12.09
N ARG B 228 11.06 6.64 12.76
CA ARG B 228 10.23 5.44 12.79
C ARG B 228 9.73 5.10 11.40
N TYR B 229 9.39 6.12 10.60
CA TYR B 229 8.96 5.87 9.23
C TYR B 229 10.10 5.31 8.39
N TYR B 230 11.31 5.85 8.55
CA TYR B 230 12.45 5.33 7.79
C TYR B 230 12.73 3.88 8.15
N LEU B 231 12.62 3.53 9.43
CA LEU B 231 12.95 2.17 9.84
C LEU B 231 12.02 1.14 9.23
N LEU B 232 10.77 1.54 8.92
CA LEU B 232 9.87 0.60 8.25
C LEU B 232 10.37 0.23 6.87
N ASN B 233 10.95 1.18 6.15
CA ASN B 233 11.49 0.92 4.82
C ASN B 233 12.90 0.38 4.86
N SER B 234 13.33 -0.18 5.99
CA SER B 234 14.60 -0.86 6.12
C SER B 234 15.80 0.01 5.81
N GLN B 235 15.67 1.33 6.00
CA GLN B 235 16.78 2.25 5.83
C GLN B 235 17.27 2.63 7.22
N VAL B 236 18.12 1.79 7.80
CA VAL B 236 18.49 1.98 9.20
C VAL B 236 19.29 3.25 9.39
N HIS B 237 20.18 3.57 8.45
CA HIS B 237 21.03 4.74 8.65
C HIS B 237 20.23 6.03 8.62
N ASN B 238 19.27 6.15 7.71
CA ASN B 238 18.39 7.31 7.72
C ASN B 238 17.56 7.33 8.99
N ALA B 239 17.11 6.17 9.45
CA ALA B 239 16.38 6.10 10.70
C ALA B 239 17.25 6.47 11.88
N PHE B 240 18.50 5.99 11.89
CA PHE B 240 19.36 6.22 13.06
C PHE B 240 19.65 7.70 13.25
N VAL B 241 19.97 8.42 12.18
CA VAL B 241 20.35 9.82 12.33
C VAL B 241 19.19 10.63 12.88
N GLN B 242 17.96 10.25 12.53
CA GLN B 242 16.81 10.95 13.11
C GLN B 242 16.62 10.60 14.57
N PHE B 243 16.71 9.32 14.92
CA PHE B 243 16.54 8.93 16.32
C PHE B 243 17.63 9.55 17.19
N ASN B 244 18.88 9.50 16.74
CA ASN B 244 19.97 10.03 17.54
C ASN B 244 19.83 11.52 17.74
N GLU B 245 19.47 12.25 16.68
CA GLU B 245 19.26 13.68 16.82
C GLU B 245 18.09 13.98 17.74
N ALA B 246 17.02 13.18 17.64
CA ALA B 246 15.85 13.41 18.48
C ALA B 246 16.17 13.18 19.95
N PHE B 247 16.91 12.12 20.26
CA PHE B 247 17.22 11.85 21.66
C PHE B 247 18.18 12.87 22.22
N GLN B 248 19.09 13.40 21.39
CA GLN B 248 20.01 14.42 21.88
C GLN B 248 19.26 15.65 22.34
N SER B 249 18.21 16.04 21.60
CA SER B 249 17.40 17.18 22.02
C SER B 249 16.68 16.88 23.33
N LEU B 250 16.15 15.67 23.48
CA LEU B 250 15.35 15.34 24.65
C LEU B 250 16.17 15.41 25.93
N LEU B 251 17.48 15.19 25.85
CA LEU B 251 18.31 15.29 27.04
C LEU B 251 18.43 16.72 27.56
N ASN B 252 18.09 17.72 26.74
CA ASN B 252 18.16 19.10 27.20
C ASN B 252 17.00 19.47 28.12
N LEU B 253 15.83 18.90 27.88
CA LEU B 253 14.67 19.22 28.71
C LEU B 253 14.83 18.67 30.11
N PRO B 254 14.30 19.35 31.12
CA PRO B 254 14.35 18.83 32.49
C PRO B 254 13.59 17.53 32.61
N LEU B 255 14.10 16.64 33.46
CA LEU B 255 13.52 15.32 33.65
C LEU B 255 12.49 15.29 34.78
N THR B 256 12.24 16.41 35.46
CA THR B 256 11.32 16.42 36.58
C THR B 256 9.87 16.28 36.14
N ASN B 257 9.58 16.38 34.84
CA ASN B 257 8.19 16.34 34.39
C ASN B 257 7.60 14.94 34.49
N GLN B 258 8.44 13.91 34.36
CA GLN B 258 8.09 12.50 34.44
C GLN B 258 7.24 12.05 33.26
N ALA B 259 6.83 12.95 32.38
CA ALA B 259 6.26 12.58 31.10
C ALA B 259 7.27 12.61 29.98
N ILE B 260 8.36 13.36 30.16
CA ILE B 260 9.48 13.29 29.24
C ILE B 260 10.15 11.92 29.34
N THR B 261 10.26 11.40 30.56
CA THR B 261 10.93 10.12 30.76
C THR B 261 10.21 9.01 30.00
N ARG B 262 8.88 8.98 30.06
CA ARG B 262 8.16 7.99 29.28
C ARG B 262 8.32 8.23 27.79
N ASN B 263 8.52 9.47 27.37
CA ASN B 263 8.83 9.72 25.98
C ASN B 263 10.28 9.39 25.66
N GLY B 264 11.19 9.58 26.61
CA GLY B 264 12.58 9.22 26.38
C GLY B 264 12.76 7.72 26.21
N THR B 265 12.03 6.94 26.98
CA THR B 265 12.15 5.49 26.85
C THR B 265 11.44 4.96 25.61
N ARG B 266 10.54 5.74 25.02
CA ARG B 266 9.89 5.31 23.78
C ARG B 266 10.86 5.36 22.61
N ILE B 267 11.61 6.45 22.50
CA ILE B 267 12.55 6.59 21.38
C ILE B 267 13.70 5.63 21.55
N LEU B 268 14.13 5.37 22.79
CA LEU B 268 15.21 4.42 23.01
C LEU B 268 14.82 3.01 22.57
N ASN B 269 13.54 2.69 22.55
CA ASN B 269 13.12 1.37 22.11
C ASN B 269 13.48 1.13 20.65
N TYR B 270 13.57 2.19 19.86
CA TYR B 270 13.99 2.09 18.48
C TYR B 270 15.44 2.48 18.26
N MET B 271 15.95 3.45 19.03
CA MET B 271 17.32 3.91 18.84
C MET B 271 18.32 2.81 19.18
N ILE B 272 18.08 2.05 20.24
CA ILE B 272 19.04 1.04 20.66
C ILE B 272 19.25 -0.04 19.62
N PRO B 273 18.21 -0.70 19.07
CA PRO B 273 18.48 -1.71 18.05
C PRO B 273 18.98 -1.12 16.75
N THR B 274 18.46 0.03 16.35
CA THR B 274 18.93 0.66 15.13
C THR B 274 20.40 1.04 15.23
N GLY B 275 20.81 1.57 16.39
CA GLY B 275 22.21 1.84 16.59
C GLY B 275 23.06 0.58 16.59
N LEU B 276 22.50 -0.52 17.06
CA LEU B 276 23.24 -1.78 17.07
C LEU B 276 23.52 -2.27 15.67
N ILE B 277 22.55 -2.13 14.77
CA ILE B 277 22.73 -2.58 13.39
C ILE B 277 23.94 -1.89 12.77
N LEU B 278 24.11 -0.61 13.04
CA LEU B 278 25.26 0.14 12.56
C LEU B 278 26.48 -0.04 13.46
N GLY B 279 26.50 -1.06 14.30
CA GLY B 279 27.66 -1.37 15.11
C GLY B 279 28.02 -0.30 16.12
N LYS B 280 27.03 0.21 16.84
CA LYS B 280 27.26 1.22 17.87
C LYS B 280 26.60 0.78 19.16
N MET B 281 27.40 0.34 20.12
CA MET B 281 26.89 0.07 21.46
C MET B 281 26.67 1.38 22.20
N VAL B 282 25.83 1.33 23.22
CA VAL B 282 25.41 2.51 23.96
C VAL B 282 25.80 2.34 25.42
N LYS B 283 26.42 3.37 25.99
CA LYS B 283 26.70 3.37 27.42
C LYS B 283 25.40 3.33 28.21
N TRP B 284 25.39 2.58 29.30
CA TRP B 284 24.21 2.49 30.14
C TRP B 284 24.19 3.53 31.25
N GLY B 285 25.18 4.42 31.30
CA GLY B 285 25.21 5.45 32.30
C GLY B 285 24.12 6.47 32.09
N PRO B 286 24.22 7.26 31.02
CA PRO B 286 23.21 8.30 30.78
C PRO B 286 21.81 7.75 30.58
N LEU B 287 21.67 6.51 30.16
CA LEU B 287 20.37 5.93 29.87
C LEU B 287 19.73 5.27 31.08
N ARG B 288 20.39 5.30 32.23
CA ARG B 288 19.85 4.63 33.41
C ARG B 288 18.47 5.15 33.82
N PRO B 289 18.22 6.46 33.91
CA PRO B 289 16.87 6.90 34.31
C PRO B 289 15.77 6.50 33.34
N PHE B 290 16.05 6.47 32.04
CA PHE B 290 14.98 6.22 31.07
C PHE B 290 14.55 4.76 31.06
N LEU B 291 15.49 3.84 31.11
CA LEU B 291 15.19 2.43 30.91
C LEU B 291 15.07 1.70 32.24
N SER B 292 14.15 0.75 32.30
CA SER B 292 14.04 -0.10 33.47
C SER B 292 15.25 -1.03 33.55
N GLN B 293 15.55 -1.48 34.77
CA GLN B 293 16.72 -2.32 34.96
C GLN B 293 16.60 -3.63 34.18
N GLU B 294 15.38 -4.17 34.09
CA GLU B 294 15.18 -5.40 33.34
C GLU B 294 15.50 -5.22 31.87
N THR B 295 15.06 -4.10 31.28
CA THR B 295 15.34 -3.85 29.87
C THR B 295 16.83 -3.73 29.61
N ILE B 296 17.59 -3.18 30.56
CA ILE B 296 19.03 -3.11 30.43
C ILE B 296 19.62 -4.51 30.29
N ASP B 297 19.17 -5.43 31.13
CA ASP B 297 19.66 -6.80 31.06
C ASP B 297 19.28 -7.47 29.76
N ASN B 298 18.07 -7.21 29.27
CA ASN B 298 17.62 -7.84 28.03
C ASN B 298 18.49 -7.41 26.86
N TRP B 299 18.76 -6.12 26.73
CA TRP B 299 19.61 -5.66 25.64
C TRP B 299 21.06 -6.04 25.86
N SER B 300 21.51 -6.12 27.12
CA SER B 300 22.89 -6.50 27.38
C SER B 300 23.20 -7.88 26.85
N VAL B 301 22.24 -8.80 26.96
CA VAL B 301 22.45 -10.14 26.43
C VAL B 301 22.62 -10.08 24.92
N LEU B 302 21.78 -9.30 24.25
CA LEU B 302 21.93 -9.16 22.80
C LEU B 302 23.27 -8.53 22.44
N TYR B 303 23.69 -7.50 23.20
CA TYR B 303 24.98 -6.90 22.93
C TYR B 303 26.12 -7.90 23.10
N LYS B 304 26.04 -8.72 24.14
CA LYS B 304 27.10 -9.71 24.37
C LYS B 304 27.19 -10.70 23.22
N HIS B 305 26.05 -11.16 22.72
CA HIS B 305 26.07 -12.11 21.60
C HIS B 305 26.63 -11.46 20.34
N VAL B 306 26.22 -10.24 20.03
CA VAL B 306 26.60 -9.65 18.76
C VAL B 306 28.00 -9.05 18.82
N ARG B 307 28.47 -8.66 20.00
CA ARG B 307 29.83 -8.14 20.09
C ARG B 307 30.86 -9.23 19.80
N TYR B 308 30.62 -10.44 20.31
CA TYR B 308 31.59 -11.52 20.20
C TYR B 308 31.26 -12.52 19.11
N GLY B 309 30.29 -12.22 18.25
CA GLY B 309 30.03 -13.06 17.10
C GLY B 309 29.48 -14.43 17.46
N ASN B 310 28.27 -14.47 17.99
CA ASN B 310 27.59 -15.71 18.35
C ASN B 310 26.24 -15.71 17.65
N ILE B 311 26.18 -16.33 16.47
CA ILE B 311 24.94 -16.32 15.70
C ILE B 311 23.83 -17.03 16.44
N GLN B 312 24.14 -18.18 17.07
CA GLN B 312 23.12 -18.90 17.80
C GLN B 312 22.54 -18.06 18.92
N GLY B 313 23.38 -17.28 19.60
CA GLY B 313 22.88 -16.41 20.64
C GLY B 313 21.92 -15.35 20.12
N VAL B 314 22.26 -14.74 18.98
CA VAL B 314 21.38 -13.74 18.40
C VAL B 314 20.07 -14.38 17.98
N SER B 315 20.13 -15.55 17.34
CA SER B 315 18.92 -16.23 16.92
C SER B 315 18.07 -16.63 18.11
N LEU B 316 18.70 -17.17 19.16
CA LEU B 316 17.94 -17.53 20.35
C LEU B 316 17.32 -16.32 21.01
N TRP B 317 18.07 -15.22 21.07
CA TRP B 317 17.54 -14.02 21.70
C TRP B 317 16.34 -13.47 20.92
N LEU B 318 16.41 -13.48 19.60
CA LEU B 318 15.29 -13.03 18.80
C LEU B 318 14.07 -13.92 19.03
N ARG B 319 14.29 -15.24 19.13
CA ARG B 319 13.19 -16.15 19.39
C ARG B 319 12.55 -15.86 20.74
N GLN B 320 13.36 -15.56 21.75
CA GLN B 320 12.81 -15.26 23.07
C GLN B 320 12.02 -13.95 23.06
N ASN B 321 12.52 -12.93 22.37
CA ASN B 321 11.89 -11.62 22.33
C ASN B 321 11.14 -11.38 21.02
N GLU B 322 10.50 -12.41 20.50
CA GLU B 322 9.86 -12.29 19.19
C GLU B 322 8.65 -11.36 19.24
N ARG B 323 7.77 -11.56 20.22
CA ARG B 323 6.47 -10.92 20.17
C ARG B 323 6.57 -9.41 20.32
N HIS B 324 7.28 -8.93 21.34
CA HIS B 324 7.33 -7.49 21.55
C HIS B 324 8.14 -6.80 20.47
N LEU B 325 9.17 -7.45 19.95
CA LEU B 325 9.88 -6.90 18.79
C LEU B 325 8.98 -6.83 17.58
N CYS B 326 8.21 -7.89 17.33
CA CYS B 326 7.32 -7.90 16.18
C CYS B 326 6.24 -6.84 16.31
N ALA B 327 5.87 -6.48 17.53
CA ALA B 327 4.89 -5.41 17.73
C ALA B 327 5.42 -4.08 17.22
N ARG B 328 6.70 -3.82 17.39
CA ARG B 328 7.30 -2.56 16.99
C ARG B 328 7.91 -2.60 15.59
N GLN B 329 7.55 -3.61 14.79
CA GLN B 329 8.06 -3.76 13.43
C GLN B 329 9.58 -3.82 13.42
N LEU B 330 10.14 -4.62 14.33
CA LEU B 330 11.58 -4.74 14.46
C LEU B 330 12.14 -6.12 14.20
N LEU B 331 11.32 -7.17 14.26
CA LEU B 331 11.88 -8.52 14.18
C LEU B 331 12.51 -8.78 12.82
N ILE B 332 11.81 -8.40 11.75
CA ILE B 332 12.34 -8.68 10.41
C ILE B 332 13.62 -7.90 10.17
N VAL B 333 13.66 -6.63 10.54
CA VAL B 333 14.85 -5.83 10.31
C VAL B 333 16.03 -6.38 11.10
N LEU B 334 15.81 -6.64 12.39
CA LEU B 334 16.90 -7.15 13.22
C LEU B 334 17.39 -8.50 12.72
N LEU B 335 16.46 -9.37 12.31
CA LEU B 335 16.85 -10.71 11.90
C LEU B 335 17.64 -10.70 10.59
N GLU B 336 17.53 -9.64 9.79
CA GLU B 336 18.24 -9.56 8.53
C GLU B 336 19.52 -8.75 8.61
N LYS B 337 19.52 -7.66 9.39
CA LYS B 337 20.70 -6.80 9.44
C LYS B 337 21.71 -7.26 10.48
N LEU B 338 21.26 -7.66 11.66
CA LEU B 338 22.18 -8.05 12.72
C LEU B 338 23.15 -9.16 12.34
N PRO B 339 22.75 -10.22 11.63
CA PRO B 339 23.71 -11.31 11.38
C PRO B 339 24.99 -10.85 10.69
N MET B 340 24.92 -9.88 9.79
CA MET B 340 26.12 -9.48 9.09
C MET B 340 27.12 -8.80 10.01
N VAL B 341 26.62 -8.01 10.97
CA VAL B 341 27.52 -7.46 11.98
C VAL B 341 28.09 -8.57 12.85
N THR B 342 27.27 -9.57 13.17
CA THR B 342 27.74 -10.68 13.99
C THR B 342 28.87 -11.44 13.31
N TYR B 343 28.74 -11.67 12.01
CA TYR B 343 29.80 -12.36 11.28
C TYR B 343 31.09 -11.56 11.32
N ARG B 344 30.98 -10.23 11.17
CA ARG B 344 32.18 -9.40 11.16
C ARG B 344 32.98 -9.58 12.43
N ASN B 345 32.30 -9.55 13.58
CA ASN B 345 33.01 -9.75 14.84
C ASN B 345 33.57 -11.16 14.93
N LEU B 346 32.82 -12.14 14.44
CA LEU B 346 33.31 -13.51 14.48
C LEU B 346 34.57 -13.67 13.64
N ILE B 347 34.58 -13.10 12.43
CA ILE B 347 35.77 -13.17 11.59
C ILE B 347 36.89 -12.34 12.20
N LYS B 348 36.55 -11.22 12.84
CA LYS B 348 37.58 -10.42 13.49
C LYS B 348 38.26 -11.21 14.60
N THR B 349 37.49 -11.98 15.37
CA THR B 349 38.07 -12.73 16.46
C THR B 349 39.02 -13.81 15.96
N VAL B 350 38.64 -14.54 14.92
CA VAL B 350 39.51 -15.60 14.41
C VAL B 350 40.74 -15.00 13.74
N ILE B 351 40.57 -13.94 12.96
CA ILE B 351 41.71 -13.33 12.28
C ILE B 351 42.72 -12.81 13.29
N LYS B 352 42.24 -12.16 14.34
CA LYS B 352 43.15 -11.57 15.33
C LYS B 352 44.01 -12.65 16.00
N SER B 353 43.44 -13.83 16.22
CA SER B 353 44.19 -14.92 16.83
C SER B 353 44.93 -15.78 15.81
N TRP B 354 44.77 -15.51 14.51
CA TRP B 354 45.36 -16.34 13.48
C TRP B 354 46.38 -15.58 12.64
N THR B 355 46.04 -14.38 12.19
CA THR B 355 46.96 -13.61 11.36
C THR B 355 47.87 -12.74 12.20
N THR B 356 47.29 -11.87 13.03
CA THR B 356 48.05 -10.86 13.75
C THR B 356 48.97 -11.47 14.79
N GLU B 357 48.62 -12.62 15.36
CA GLU B 357 49.41 -13.20 16.43
C GLU B 357 50.14 -14.47 16.04
N TRP B 358 49.74 -15.12 14.95
CA TRP B 358 50.41 -16.33 14.50
C TRP B 358 51.07 -16.17 13.14
N GLY B 359 50.99 -14.99 12.54
CA GLY B 359 51.73 -14.73 11.31
C GLY B 359 51.32 -15.59 10.13
N GLN B 360 50.02 -15.82 9.97
CA GLN B 360 49.50 -16.58 8.84
C GLN B 360 48.45 -15.74 8.15
N ASN B 361 48.76 -15.28 6.94
CA ASN B 361 47.86 -14.40 6.20
C ASN B 361 46.85 -15.15 5.35
N LYS B 362 46.83 -16.48 5.42
CA LYS B 362 45.93 -17.30 4.64
C LYS B 362 44.92 -17.98 5.55
N LEU B 363 43.64 -17.86 5.22
CA LEU B 363 42.58 -18.47 6.01
C LEU B 363 41.93 -19.59 5.22
N PRO B 364 42.24 -20.85 5.52
CA PRO B 364 41.55 -21.94 4.83
C PRO B 364 40.08 -21.96 5.18
N TYR B 365 39.26 -22.36 4.21
CA TYR B 365 37.83 -22.43 4.45
C TYR B 365 37.49 -23.46 5.52
N SER B 366 38.27 -24.54 5.60
CA SER B 366 38.01 -25.55 6.61
C SER B 366 38.11 -24.98 8.01
N LEU B 367 39.08 -24.07 8.23
CA LEU B 367 39.19 -23.43 9.53
C LEU B 367 37.96 -22.59 9.84
N ILE B 368 37.53 -21.78 8.87
CA ILE B 368 36.37 -20.93 9.10
C ILE B 368 35.12 -21.77 9.30
N GLU B 369 35.01 -22.88 8.58
CA GLU B 369 33.85 -23.75 8.75
C GLU B 369 33.75 -24.28 10.17
N ARG B 370 34.89 -24.67 10.76
CA ARG B 370 34.88 -25.13 12.14
C ARG B 370 34.43 -24.03 13.08
N VAL B 371 34.84 -22.79 12.81
CA VAL B 371 34.37 -21.67 13.63
C VAL B 371 32.88 -21.47 13.45
N LEU B 372 32.42 -21.45 12.19
CA LEU B 372 30.99 -21.26 11.95
C LEU B 372 30.17 -22.40 12.53
N GLN B 373 30.72 -23.61 12.56
CA GLN B 373 30.01 -24.73 13.15
C GLN B 373 29.74 -24.48 14.62
N LEU B 374 30.70 -23.89 15.33
CA LEU B 374 30.52 -23.60 16.74
C LEU B 374 29.57 -22.43 16.98
N SER B 375 29.59 -21.44 16.09
CA SER B 375 28.74 -20.27 16.28
C SER B 375 27.29 -20.58 15.93
N ILE B 376 27.05 -20.93 14.66
CA ILE B 376 25.68 -21.14 14.22
C ILE B 376 25.07 -22.36 14.91
N GLY B 377 25.85 -23.40 15.10
CA GLY B 377 25.40 -24.59 15.78
C GLY B 377 24.36 -25.36 14.97
N PRO B 378 23.39 -25.94 15.65
CA PRO B 378 22.36 -26.71 14.93
C PRO B 378 21.55 -25.82 14.00
N THR B 379 21.20 -26.38 12.84
CA THR B 379 20.47 -25.66 11.81
C THR B 379 19.31 -26.52 11.33
N PHE B 380 18.61 -26.02 10.30
CA PHE B 380 17.39 -26.67 9.84
C PHE B 380 17.68 -28.07 9.29
N GLU B 381 18.75 -28.21 8.51
CA GLU B 381 19.04 -29.52 7.91
C GLU B 381 19.51 -30.53 8.93
N ASP B 382 20.03 -30.08 10.07
CA ASP B 382 20.52 -31.00 11.08
C ASP B 382 19.36 -31.81 11.65
N PRO B 383 19.63 -33.04 12.11
CA PRO B 383 18.54 -33.89 12.63
C PRO B 383 17.84 -33.30 13.84
N GLY B 384 18.47 -32.36 14.55
CA GLY B 384 17.85 -31.81 15.75
C GLY B 384 16.54 -31.10 15.45
N ALA B 385 16.50 -30.30 14.39
CA ALA B 385 15.32 -29.54 14.02
C ALA B 385 14.81 -30.03 12.67
N GLN B 386 13.52 -30.35 12.61
CA GLN B 386 12.89 -30.82 11.39
C GLN B 386 12.20 -29.69 10.62
N GLU B 387 11.24 -29.02 11.26
CA GLU B 387 10.57 -27.90 10.61
C GLU B 387 11.54 -26.73 10.45
N ILE B 388 11.36 -25.99 9.38
CA ILE B 388 12.22 -24.86 9.08
C ILE B 388 11.58 -23.60 9.66
N THR B 389 12.33 -22.91 10.50
CA THR B 389 11.88 -21.66 11.09
C THR B 389 12.80 -20.54 10.65
N ILE B 390 12.31 -19.31 10.80
CA ILE B 390 13.10 -18.14 10.42
C ILE B 390 14.36 -18.02 11.23
N TYR B 391 14.47 -18.76 12.33
CA TYR B 391 15.65 -18.71 13.19
C TYR B 391 16.72 -19.69 12.77
N ASN B 392 16.35 -20.90 12.36
CA ASN B 392 17.32 -21.94 12.07
C ASN B 392 17.37 -22.32 10.60
N GLY B 393 16.79 -21.52 9.71
CA GLY B 393 16.77 -21.87 8.31
C GLY B 393 17.71 -21.05 7.45
N ILE B 394 18.10 -19.88 7.93
CA ILE B 394 18.86 -18.96 7.11
C ILE B 394 20.35 -19.24 7.17
N HIS B 395 20.89 -19.49 8.37
CA HIS B 395 22.32 -19.58 8.58
C HIS B 395 22.75 -21.04 8.64
N SER B 396 23.73 -21.39 7.82
CA SER B 396 24.31 -22.72 7.83
C SER B 396 25.83 -22.62 7.78
N PRO B 397 26.54 -23.49 8.49
CA PRO B 397 28.01 -23.42 8.47
C PRO B 397 28.62 -23.92 7.18
N LYS B 398 27.84 -24.50 6.28
CA LYS B 398 28.40 -25.00 5.03
C LYS B 398 28.76 -23.87 4.08
N ASN B 399 28.04 -22.76 4.14
CA ASN B 399 28.26 -21.65 3.21
C ASN B 399 29.37 -20.74 3.72
N VAL B 400 30.57 -21.31 3.87
CA VAL B 400 31.72 -20.51 4.26
C VAL B 400 32.06 -19.51 3.18
N GLU B 401 32.01 -19.94 1.92
CA GLU B 401 32.36 -19.05 0.82
C GLU B 401 31.42 -17.86 0.74
N ASN B 402 30.12 -18.10 0.93
CA ASN B 402 29.15 -17.02 0.79
C ASN B 402 29.26 -16.01 1.92
N VAL B 403 29.63 -16.47 3.11
CA VAL B 403 29.76 -15.55 4.24
C VAL B 403 30.92 -14.60 4.02
N LEU B 404 32.06 -15.12 3.54
CA LEU B 404 33.21 -14.25 3.30
C LEU B 404 32.93 -13.25 2.19
N VAL B 405 32.31 -13.70 1.10
CA VAL B 405 32.18 -12.83 -0.06
C VAL B 405 31.22 -11.68 0.23
N THR B 406 30.18 -11.92 1.02
CA THR B 406 29.26 -10.85 1.35
C THR B 406 29.84 -9.88 2.37
N LEU B 407 30.85 -10.29 3.13
CA LEU B 407 31.55 -9.35 4.00
C LEU B 407 32.45 -8.43 3.19
N ILE B 408 33.17 -9.00 2.21
CA ILE B 408 34.11 -8.21 1.43
C ILE B 408 33.37 -7.17 0.61
N ASN B 409 32.26 -7.55 -0.01
CA ASN B 409 31.50 -6.59 -0.81
C ASN B 409 30.95 -5.46 0.06
N LEU B 410 30.47 -5.79 1.25
CA LEU B 410 29.98 -4.75 2.14
C LEU B 410 31.11 -3.86 2.66
N GLY B 411 32.36 -4.24 2.46
CA GLY B 411 33.48 -3.47 2.94
C GLY B 411 33.90 -3.77 4.36
N LEU B 412 33.16 -4.64 5.05
CA LEU B 412 33.51 -4.95 6.43
C LEU B 412 34.77 -5.80 6.54
N LEU B 413 35.26 -6.35 5.44
CA LEU B 413 36.46 -7.18 5.45
C LEU B 413 37.28 -6.88 4.22
N ARG B 414 38.60 -6.76 4.40
CA ARG B 414 39.52 -6.51 3.30
C ARG B 414 40.32 -7.78 3.07
N ALA B 415 39.81 -8.66 2.21
CA ALA B 415 40.50 -9.90 1.89
C ALA B 415 40.09 -10.36 0.51
N ASN B 416 40.92 -11.22 -0.08
CA ASN B 416 40.64 -11.86 -1.35
C ASN B 416 40.45 -13.35 -1.12
N CYS B 417 39.45 -13.93 -1.77
CA CYS B 417 39.15 -15.34 -1.63
C CYS B 417 39.46 -16.09 -2.92
N PHE B 418 39.92 -17.33 -2.77
CA PHE B 418 40.27 -18.19 -3.90
C PHE B 418 39.38 -19.42 -3.89
N PRO B 419 38.28 -19.42 -4.64
CA PRO B 419 37.37 -20.57 -4.59
C PRO B 419 38.02 -21.88 -4.99
N GLN B 420 38.93 -21.86 -5.95
CA GLN B 420 39.56 -23.10 -6.38
C GLN B 420 40.52 -23.64 -5.32
N LEU B 421 41.18 -22.75 -4.59
CA LEU B 421 42.13 -23.15 -3.56
C LEU B 421 41.48 -23.36 -2.20
N GLN B 422 40.19 -23.06 -2.07
CA GLN B 422 39.45 -23.23 -0.81
C GLN B 422 40.08 -22.41 0.32
N LEU B 423 40.54 -21.21 0.01
CA LEU B 423 41.09 -20.34 1.04
C LEU B 423 41.00 -18.90 0.59
N CYS B 424 41.00 -17.99 1.56
CA CYS B 424 41.02 -16.56 1.32
C CYS B 424 42.29 -15.97 1.92
N VAL B 425 42.97 -15.15 1.15
CA VAL B 425 44.21 -14.51 1.59
C VAL B 425 43.88 -13.10 2.07
N VAL B 426 44.63 -12.65 3.06
CA VAL B 426 44.41 -11.34 3.66
C VAL B 426 45.76 -10.66 3.82
N LYS B 427 45.71 -9.33 3.93
CA LYS B 427 46.93 -8.55 4.07
C LYS B 427 47.66 -8.92 5.35
N LYS B 428 48.98 -9.10 5.25
CA LYS B 428 49.79 -9.50 6.41
C LYS B 428 50.20 -8.23 7.14
N THR B 429 49.54 -7.97 8.27
CA THR B 429 49.82 -6.78 9.07
C THR B 429 49.66 -7.12 10.53
N THR B 430 50.53 -6.56 11.37
CA THR B 430 50.41 -6.78 12.81
C THR B 430 49.15 -6.15 13.36
N MET B 431 48.83 -4.93 12.91
CA MET B 431 47.64 -4.25 13.39
C MET B 431 46.41 -4.74 12.63
N ILE B 432 45.38 -5.14 13.38
CA ILE B 432 44.18 -5.69 12.76
C ILE B 432 43.30 -4.62 12.15
N GLN B 433 43.56 -3.34 12.42
CA GLN B 433 42.74 -2.28 11.86
C GLN B 433 42.78 -2.29 10.34
N GLU B 434 43.94 -2.62 9.77
CA GLU B 434 44.06 -2.68 8.32
C GLU B 434 43.15 -3.75 7.73
N ILE B 435 43.08 -4.91 8.39
CA ILE B 435 42.33 -6.04 7.85
C ILE B 435 40.83 -5.80 7.99
N VAL B 436 40.39 -5.52 9.20
CA VAL B 436 38.97 -5.36 9.51
C VAL B 436 38.75 -3.92 9.96
N PRO B 437 38.18 -3.07 9.10
CA PRO B 437 37.95 -1.69 9.46
C PRO B 437 36.85 -1.57 10.50
N PRO B 438 36.77 -0.44 11.21
CA PRO B 438 35.67 -0.25 12.15
C PRO B 438 34.33 -0.28 11.44
N VAL B 439 33.33 -0.84 12.12
CA VAL B 439 32.05 -1.13 11.47
C VAL B 439 31.33 0.14 11.07
N ASN B 440 31.21 1.08 12.00
CA ASN B 440 30.34 2.23 11.76
C ASN B 440 30.88 3.12 10.64
N GLU B 441 32.19 3.27 10.56
CA GLU B 441 32.76 4.08 9.49
C GLU B 441 32.45 3.49 8.12
N ARG B 442 32.58 2.18 7.97
CA ARG B 442 32.36 1.55 6.67
C ARG B 442 30.91 1.62 6.26
N ILE B 443 29.99 1.28 7.17
CA ILE B 443 28.57 1.28 6.83
C ILE B 443 28.10 2.69 6.49
N THR B 444 28.50 3.67 7.29
CA THR B 444 28.11 5.04 7.02
C THR B 444 28.69 5.54 5.70
N LYS B 445 29.94 5.16 5.40
CA LYS B 445 30.54 5.58 4.15
C LYS B 445 29.79 5.01 2.96
N MET B 446 29.41 3.73 3.02
CA MET B 446 28.74 3.12 1.88
C MET B 446 27.31 3.61 1.71
N PHE B 447 26.63 3.94 2.81
CA PHE B 447 25.25 4.37 2.79
C PHE B 447 25.13 5.72 3.47
N PRO B 448 25.51 6.80 2.79
CA PRO B 448 25.37 8.12 3.39
C PRO B 448 23.92 8.41 3.72
N ALA B 449 23.71 9.01 4.88
CA ALA B 449 22.36 9.34 5.33
C ALA B 449 22.08 10.82 5.11
N HIS B 450 20.80 11.14 5.00
CA HIS B 450 20.40 12.53 4.90
C HIS B 450 20.81 13.28 6.16
N SER B 451 21.19 14.54 5.99
CA SER B 451 21.67 15.33 7.11
C SER B 451 20.59 15.44 8.19
N HIS B 452 21.03 15.38 9.45
CA HIS B 452 20.09 15.49 10.55
C HIS B 452 19.33 16.80 10.51
N VAL B 453 20.01 17.89 10.14
CA VAL B 453 19.33 19.17 10.00
C VAL B 453 18.51 19.14 8.71
N LEU B 454 17.21 19.42 8.84
CA LEU B 454 16.33 19.36 7.68
C LEU B 454 16.57 20.56 6.77
N TRP B 455 16.41 21.77 7.29
CA TRP B 455 16.76 22.97 6.54
C TRP B 455 17.02 24.12 7.49
N GLU C 31 3.71 0.62 27.41
CA GLU C 31 2.62 1.39 26.83
C GLU C 31 2.79 1.54 25.33
N ASP C 32 1.88 2.27 24.69
CA ASP C 32 1.95 2.44 23.25
C ASP C 32 3.12 3.35 22.89
N ASP C 33 3.47 3.34 21.60
CA ASP C 33 4.64 4.07 21.13
C ASP C 33 4.36 5.54 20.88
N GLU C 34 3.13 5.99 20.96
CA GLU C 34 2.82 7.39 20.68
C GLU C 34 3.35 8.27 21.81
N PHE C 35 3.82 9.46 21.44
CA PHE C 35 4.34 10.40 22.42
C PHE C 35 3.23 10.99 23.27
N GLU C 36 3.61 11.45 24.45
CA GLU C 36 2.71 12.19 25.33
C GLU C 36 2.84 13.68 25.02
N ASP C 37 2.29 14.52 25.89
CA ASP C 37 2.37 15.96 25.73
C ASP C 37 3.45 16.54 26.63
N PHE C 38 4.03 17.65 26.18
CA PHE C 38 5.10 18.33 26.91
C PHE C 38 4.55 19.59 27.56
N PRO C 39 4.34 19.61 28.88
CA PRO C 39 3.81 20.78 29.58
C PRO C 39 4.75 21.98 29.53
N THR C 57 26.07 15.50 25.26
CA THR C 57 26.64 14.44 26.07
C THR C 57 26.70 13.14 25.29
N ASN C 58 27.91 12.64 25.05
CA ASN C 58 28.06 11.40 24.32
C ASN C 58 27.50 10.22 25.11
N ILE C 59 26.74 9.38 24.43
CA ILE C 59 26.17 8.18 25.04
C ILE C 59 26.63 6.90 24.38
N TRP C 60 27.37 6.99 23.28
CA TRP C 60 27.78 5.82 22.53
C TRP C 60 29.15 5.34 22.97
N GLU C 61 29.33 4.03 22.99
CA GLU C 61 30.65 3.45 23.21
C GLU C 61 31.50 3.64 21.97
N GLU C 62 32.24 4.75 21.90
CA GLU C 62 33.00 5.04 20.69
C GLU C 62 34.06 3.98 20.43
N ASN C 63 34.74 3.53 21.47
CA ASN C 63 35.79 2.53 21.35
C ASN C 63 35.33 1.26 22.07
N TRP C 64 34.58 0.42 21.37
CA TRP C 64 34.19 -0.87 21.90
C TRP C 64 34.88 -2.04 21.22
N ASP C 65 35.21 -1.91 19.94
CA ASP C 65 36.01 -2.94 19.29
C ASP C 65 37.44 -2.93 19.79
N ASP C 66 37.94 -1.76 20.17
CA ASP C 66 39.33 -1.66 20.63
C ASP C 66 39.54 -2.40 21.94
N VAL C 67 38.66 -2.17 22.92
CA VAL C 67 38.79 -2.81 24.23
C VAL C 67 38.34 -4.26 24.12
N GLU C 68 39.11 -5.16 24.70
CA GLU C 68 38.81 -6.59 24.68
C GLU C 68 38.34 -7.01 26.07
N VAL C 69 37.16 -7.60 26.14
CA VAL C 69 36.59 -8.10 27.39
C VAL C 69 36.39 -9.61 27.25
N ASP C 70 36.92 -10.35 28.21
CA ASP C 70 36.83 -11.80 28.15
C ASP C 70 35.41 -12.28 28.45
N ASP C 71 35.03 -13.37 27.80
CA ASP C 71 33.76 -14.03 28.07
C ASP C 71 33.88 -15.49 27.67
N ASP C 72 32.92 -16.29 28.11
CA ASP C 72 33.01 -17.73 27.93
C ASP C 72 33.03 -18.11 26.45
N PHE C 73 32.21 -17.47 25.63
CA PHE C 73 32.12 -17.84 24.23
C PHE C 73 33.44 -17.62 23.51
N THR C 74 34.07 -16.47 23.73
CA THR C 74 35.35 -16.20 23.08
C THR C 74 36.41 -17.19 23.52
N ASN C 75 36.45 -17.51 24.82
CA ASN C 75 37.42 -18.47 25.30
C ASN C 75 37.19 -19.85 24.70
N GLU C 76 35.93 -20.25 24.55
CA GLU C 76 35.64 -21.48 23.83
C GLU C 76 36.06 -21.37 22.38
N LEU C 77 35.80 -20.23 21.75
CA LEU C 77 36.19 -20.04 20.36
C LEU C 77 37.70 -20.07 20.20
N LYS C 78 38.43 -19.43 21.10
CA LYS C 78 39.89 -19.46 21.05
C LYS C 78 40.39 -20.89 21.24
N ALA C 79 39.70 -21.67 22.06
CA ALA C 79 40.07 -23.07 22.21
C ALA C 79 39.94 -23.83 20.90
N GLU C 80 38.89 -23.52 20.13
CA GLU C 80 38.69 -24.19 18.85
C GLU C 80 39.82 -23.87 17.88
N LEU C 81 40.24 -22.60 17.82
CA LEU C 81 41.35 -22.24 16.95
C LEU C 81 42.63 -22.94 17.37
N ASP C 82 42.87 -23.01 18.69
CA ASP C 82 44.08 -23.69 19.17
C ASP C 82 44.08 -25.16 18.76
N ARG C 83 42.92 -25.81 18.87
CA ARG C 83 42.83 -27.21 18.46
C ARG C 83 43.12 -27.37 16.97
N TYR C 84 42.59 -26.46 16.15
CA TYR C 84 42.80 -26.56 14.71
C TYR C 84 44.27 -26.39 14.36
N LYS C 85 44.93 -25.42 15.00
CA LYS C 85 46.34 -25.18 14.68
C LYS C 85 47.20 -26.36 15.07
N ARG C 86 46.90 -27.00 16.21
CA ARG C 86 47.68 -28.17 16.62
C ARG C 86 47.46 -29.35 15.68
N GLU C 87 46.25 -29.51 15.15
CA GLU C 87 45.98 -30.61 14.24
C GLU C 87 46.82 -30.51 12.99
N ASN C 88 46.97 -29.30 12.44
CA ASN C 88 47.74 -29.10 11.23
C ASN C 88 49.11 -28.49 11.54
N LEU D 10 50.41 -15.09 -4.10
CA LEU D 10 49.26 -14.97 -3.19
C LEU D 10 49.42 -13.80 -2.23
N GLU D 11 49.00 -12.62 -2.67
CA GLU D 11 49.05 -11.42 -1.85
C GLU D 11 47.75 -10.67 -1.99
N TYR D 12 47.41 -9.90 -0.96
CA TYR D 12 46.21 -9.09 -1.01
C TYR D 12 46.37 -7.95 -2.01
N SER D 13 45.24 -7.52 -2.57
CA SER D 13 45.23 -6.38 -3.49
C SER D 13 43.83 -5.77 -3.42
N ASP D 14 43.72 -4.65 -2.72
CA ASP D 14 42.42 -4.00 -2.53
C ASP D 14 41.89 -3.48 -3.86
N ASN D 15 40.57 -3.35 -3.93
CA ASN D 15 39.91 -2.87 -5.13
C ASN D 15 39.05 -1.64 -4.83
N GLY D 63 -7.68 -3.46 -8.70
CA GLY D 63 -7.30 -3.16 -7.34
C GLY D 63 -7.08 -1.67 -7.10
N PHE D 64 -8.08 -1.02 -6.53
CA PHE D 64 -8.03 0.41 -6.23
C PHE D 64 -8.26 0.69 -4.75
N LYS D 65 -7.94 -0.27 -3.89
CA LYS D 65 -8.22 -0.15 -2.47
C LYS D 65 -7.04 0.38 -1.65
N ASP D 66 -5.94 0.75 -2.31
CA ASP D 66 -4.78 1.29 -1.62
C ASP D 66 -4.81 2.82 -1.53
N PHE D 67 -5.91 3.45 -1.96
CA PHE D 67 -6.02 4.90 -2.00
C PHE D 67 -7.02 5.47 -1.01
N LEU D 68 -7.82 4.62 -0.37
CA LEU D 68 -8.86 5.06 0.57
C LEU D 68 -9.85 6.01 -0.11
N LEU D 69 -10.58 5.46 -1.08
CA LEU D 69 -11.57 6.23 -1.80
C LEU D 69 -12.86 6.34 -0.99
N LYS D 70 -13.78 7.15 -1.49
CA LYS D 70 -15.08 7.28 -0.84
C LYS D 70 -15.84 5.96 -0.94
N PRO D 71 -16.61 5.60 0.09
CA PRO D 71 -17.41 4.37 -0.02
C PRO D 71 -18.35 4.35 -1.20
N GLU D 72 -18.97 5.50 -1.51
CA GLU D 72 -19.84 5.56 -2.68
C GLU D 72 -19.05 5.37 -3.96
N LEU D 73 -17.88 5.99 -4.06
CA LEU D 73 -17.07 5.87 -5.25
C LEU D 73 -16.55 4.44 -5.43
N SER D 74 -16.11 3.82 -4.33
CA SER D 74 -15.56 2.47 -4.44
C SER D 74 -16.61 1.47 -4.88
N ARG D 75 -17.82 1.57 -4.32
CA ARG D 75 -18.86 0.60 -4.65
C ARG D 75 -19.28 0.72 -6.11
N ALA D 76 -19.32 1.94 -6.64
CA ALA D 76 -19.62 2.12 -8.06
C ALA D 76 -18.55 1.48 -8.92
N ILE D 77 -17.29 1.56 -8.50
CA ILE D 77 -16.22 0.86 -9.21
C ILE D 77 -16.43 -0.64 -9.15
N ILE D 78 -16.81 -1.16 -7.99
CA ILE D 78 -17.00 -2.60 -7.82
C ILE D 78 -18.11 -3.10 -8.73
N ASP D 79 -19.24 -2.38 -8.74
CA ASP D 79 -20.39 -2.84 -9.51
C ASP D 79 -20.13 -2.84 -11.01
N CYS D 80 -19.12 -2.09 -11.47
CA CYS D 80 -18.73 -2.14 -12.87
C CYS D 80 -17.70 -3.21 -13.17
N GLY D 81 -17.06 -3.78 -12.15
CA GLY D 81 -16.04 -4.78 -12.34
C GLY D 81 -14.69 -4.25 -12.75
N PHE D 82 -14.57 -2.95 -13.00
CA PHE D 82 -13.31 -2.33 -13.42
C PHE D 82 -12.39 -2.26 -12.20
N GLU D 83 -11.72 -3.37 -11.92
CA GLU D 83 -10.80 -3.46 -10.80
C GLU D 83 -9.40 -3.86 -11.27
N HIS D 84 -9.00 -3.38 -12.44
CA HIS D 84 -7.69 -3.68 -13.02
C HIS D 84 -7.02 -2.38 -13.44
N PRO D 85 -6.25 -1.75 -12.55
CA PRO D 85 -5.57 -0.50 -12.91
C PRO D 85 -4.56 -0.70 -14.03
N SER D 86 -4.42 0.33 -14.85
CA SER D 86 -3.41 0.33 -15.90
C SER D 86 -2.10 0.87 -15.34
N GLU D 87 -1.05 0.86 -16.18
CA GLU D 87 0.23 1.40 -15.75
C GLU D 87 0.14 2.89 -15.46
N VAL D 88 -0.56 3.64 -16.30
CA VAL D 88 -0.76 5.06 -16.05
C VAL D 88 -1.66 5.27 -14.84
N GLN D 89 -2.68 4.41 -14.69
CA GLN D 89 -3.56 4.51 -13.53
C GLN D 89 -2.82 4.17 -12.24
N GLN D 90 -1.87 3.22 -12.32
CA GLN D 90 -1.11 2.84 -11.13
C GLN D 90 -0.27 3.99 -10.59
N HIS D 91 0.32 4.78 -11.49
CA HIS D 91 1.25 5.82 -11.05
C HIS D 91 0.53 7.13 -10.72
N THR D 92 -0.52 7.47 -11.48
CA THR D 92 -1.13 8.78 -11.36
C THR D 92 -2.15 8.89 -10.23
N ILE D 93 -2.92 7.83 -9.97
CA ILE D 93 -3.97 7.92 -8.96
C ILE D 93 -3.41 8.23 -7.57
N PRO D 94 -2.35 7.57 -7.08
CA PRO D 94 -1.74 8.03 -5.83
C PRO D 94 -1.24 9.45 -5.89
N GLN D 95 -0.77 9.90 -7.06
CA GLN D 95 -0.37 11.29 -7.23
C GLN D 95 -1.58 12.21 -7.35
N SER D 96 -2.66 11.73 -7.96
CA SER D 96 -3.83 12.56 -8.18
C SER D 96 -4.47 12.99 -6.85
N ILE D 97 -4.57 12.06 -5.90
CA ILE D 97 -5.23 12.35 -4.63
C ILE D 97 -4.46 13.40 -3.85
N HIS D 98 -3.15 13.52 -4.11
CA HIS D 98 -2.35 14.53 -3.43
C HIS D 98 -2.67 15.94 -3.92
N GLY D 99 -3.16 16.07 -5.15
CA GLY D 99 -3.51 17.35 -5.72
C GLY D 99 -2.45 17.95 -6.63
N THR D 100 -1.34 17.25 -6.86
CA THR D 100 -0.30 17.76 -7.75
C THR D 100 -0.75 17.66 -9.20
N ASP D 101 -0.49 18.72 -9.96
CA ASP D 101 -0.82 18.74 -11.38
C ASP D 101 0.02 17.70 -12.12
N VAL D 102 -0.63 16.99 -13.05
CA VAL D 102 0.01 15.92 -13.81
C VAL D 102 -0.24 16.16 -15.29
N LEU D 103 0.82 16.09 -16.09
CA LEU D 103 0.76 16.13 -17.54
C LEU D 103 1.11 14.73 -18.04
N CYS D 104 0.11 13.86 -18.11
CA CYS D 104 0.32 12.46 -18.43
C CYS D 104 -0.22 12.16 -19.82
N GLN D 105 0.55 11.39 -20.58
CA GLN D 105 0.17 10.92 -21.90
C GLN D 105 0.01 9.41 -21.85
N ALA D 106 -1.09 8.91 -22.41
CA ALA D 106 -1.38 7.48 -22.39
C ALA D 106 -2.05 7.07 -23.70
N LYS D 107 -1.93 5.79 -24.02
CA LYS D 107 -2.52 5.27 -25.24
C LYS D 107 -4.03 5.19 -25.12
N SER D 108 -4.70 5.19 -26.26
CA SER D 108 -6.15 5.06 -26.30
C SER D 108 -6.57 3.65 -25.87
N GLY D 109 -7.74 3.57 -25.24
CA GLY D 109 -8.25 2.28 -24.80
C GLY D 109 -7.74 1.81 -23.46
N LEU D 110 -7.03 2.66 -22.71
CA LEU D 110 -6.50 2.31 -21.40
C LEU D 110 -7.36 2.85 -20.27
N GLY D 111 -8.57 3.30 -20.56
CA GLY D 111 -9.39 3.92 -19.54
C GLY D 111 -8.85 5.23 -19.04
N LYS D 112 -8.32 6.07 -19.94
CA LYS D 112 -7.77 7.35 -19.54
C LYS D 112 -8.85 8.26 -18.96
N THR D 113 -10.06 8.20 -19.53
CA THR D 113 -11.12 9.10 -19.09
C THR D 113 -11.47 8.88 -17.62
N ALA D 114 -11.57 7.61 -17.21
CA ALA D 114 -11.95 7.32 -15.83
C ALA D 114 -10.88 7.76 -14.83
N VAL D 115 -9.66 8.02 -15.29
CA VAL D 115 -8.57 8.33 -14.37
C VAL D 115 -8.86 9.63 -13.63
N PHE D 116 -9.19 10.69 -14.37
CA PHE D 116 -9.46 11.97 -13.71
C PHE D 116 -10.84 12.00 -13.08
N VAL D 117 -11.80 11.26 -13.64
CA VAL D 117 -13.15 11.24 -13.09
C VAL D 117 -13.11 10.73 -11.65
N LEU D 118 -12.35 9.65 -11.41
CA LEU D 118 -12.13 9.21 -10.04
C LEU D 118 -11.40 10.28 -9.24
N SER D 119 -10.39 10.91 -9.83
CA SER D 119 -9.64 11.94 -9.12
C SER D 119 -10.54 13.13 -8.78
N THR D 120 -11.36 13.56 -9.73
CA THR D 120 -12.25 14.68 -9.47
C THR D 120 -13.28 14.33 -8.40
N LEU D 121 -13.90 13.16 -8.52
CA LEU D 121 -14.93 12.77 -7.57
C LEU D 121 -14.36 12.60 -6.16
N GLN D 122 -13.16 12.01 -6.05
CA GLN D 122 -12.55 11.84 -4.75
C GLN D 122 -12.27 13.19 -4.09
N GLN D 123 -11.81 14.15 -4.87
CA GLN D 123 -11.54 15.50 -4.37
C GLN D 123 -12.78 16.38 -4.39
N LEU D 124 -13.91 15.87 -4.87
CA LEU D 124 -15.10 16.69 -5.01
C LEU D 124 -15.74 17.04 -3.67
N PRO D 126 -19.12 18.77 -2.54
CA PRO D 126 -20.40 19.18 -3.14
C PRO D 126 -21.09 20.32 -2.38
N VAL D 127 -21.18 21.47 -3.02
CA VAL D 127 -21.91 22.62 -2.50
C VAL D 127 -23.03 22.93 -3.49
N PRO D 128 -24.28 23.05 -3.04
CA PRO D 128 -25.39 23.18 -4.00
C PRO D 128 -25.29 24.38 -4.92
N GLY D 129 -24.73 25.49 -4.45
CA GLY D 129 -24.80 26.73 -5.20
C GLY D 129 -23.58 27.10 -6.01
N GLU D 130 -22.73 26.13 -6.33
CA GLU D 130 -21.51 26.45 -7.06
C GLU D 130 -21.09 25.26 -7.92
N VAL D 131 -20.26 25.55 -8.91
CA VAL D 131 -19.68 24.53 -9.79
C VAL D 131 -18.27 24.23 -9.32
N ALA D 132 -17.96 22.95 -9.12
CA ALA D 132 -16.69 22.58 -8.54
C ALA D 132 -15.57 22.52 -9.58
N VAL D 133 -15.72 21.67 -10.59
CA VAL D 133 -14.66 21.45 -11.58
C VAL D 133 -15.22 21.66 -12.97
N VAL D 134 -14.32 22.00 -13.89
CA VAL D 134 -14.68 22.26 -15.28
C VAL D 134 -13.81 21.41 -16.17
N VAL D 135 -14.44 20.69 -17.10
CA VAL D 135 -13.75 19.85 -18.06
C VAL D 135 -13.99 20.43 -19.45
N ILE D 136 -12.91 20.61 -20.22
CA ILE D 136 -12.96 21.24 -21.52
C ILE D 136 -12.53 20.23 -22.58
N CYS D 137 -13.33 20.10 -23.63
CA CYS D 137 -13.01 19.21 -24.73
C CYS D 137 -13.54 19.84 -26.02
N ASN D 138 -13.00 19.36 -27.14
CA ASN D 138 -13.33 19.92 -28.45
C ASN D 138 -14.44 19.16 -29.18
N ALA D 139 -14.57 17.87 -28.93
CA ALA D 139 -15.52 17.04 -29.67
C ALA D 139 -16.83 16.93 -28.90
N ARG D 140 -17.93 17.20 -29.59
CA ARG D 140 -19.25 17.09 -28.96
C ARG D 140 -19.54 15.65 -28.54
N GLU D 141 -19.26 14.68 -29.42
CA GLU D 141 -19.54 13.29 -29.10
C GLU D 141 -18.67 12.82 -27.94
N LEU D 142 -17.41 13.25 -27.91
CA LEU D 142 -16.55 12.91 -26.78
C LEU D 142 -17.09 13.48 -25.48
N ALA D 143 -17.66 14.70 -25.54
CA ALA D 143 -18.24 15.29 -24.35
C ALA D 143 -19.38 14.44 -23.80
N TYR D 144 -20.24 13.94 -24.69
CA TYR D 144 -21.33 13.08 -24.25
C TYR D 144 -20.80 11.80 -23.63
N GLN D 145 -19.67 11.30 -24.15
CA GLN D 145 -19.01 10.15 -23.54
C GLN D 145 -18.55 10.47 -22.13
N ILE D 146 -17.99 11.66 -21.93
CA ILE D 146 -17.49 12.04 -20.61
C ILE D 146 -18.63 12.10 -19.60
N ARG D 147 -19.74 12.73 -20.00
CA ARG D 147 -20.90 12.79 -19.10
C ARG D 147 -21.40 11.38 -18.77
N ASN D 148 -21.50 10.53 -19.78
CA ASN D 148 -21.89 9.15 -19.54
C ASN D 148 -20.89 8.46 -18.62
N GLU D 149 -19.60 8.77 -18.78
CA GLU D 149 -18.61 8.26 -17.86
C GLU D 149 -18.85 8.76 -16.45
N TYR D 150 -19.17 10.05 -16.31
CA TYR D 150 -19.47 10.60 -15.00
C TYR D 150 -20.72 9.97 -14.41
N LEU D 151 -21.75 9.75 -15.24
CA LEU D 151 -23.00 9.20 -14.73
C LEU D 151 -22.79 7.82 -14.13
N ARG D 152 -21.91 7.01 -14.74
CA ARG D 152 -21.67 5.68 -14.21
C ARG D 152 -21.04 5.74 -12.82
N PHE D 153 -20.06 6.61 -12.62
CA PHE D 153 -19.40 6.68 -11.32
C PHE D 153 -20.21 7.48 -10.32
N SER D 154 -21.03 8.41 -10.77
CA SER D 154 -21.89 9.19 -9.88
C SER D 154 -23.14 8.44 -9.49
N LYS D 155 -23.15 7.11 -9.61
CA LYS D 155 -24.35 6.33 -9.36
C LYS D 155 -24.83 6.48 -7.92
N TYR D 156 -23.91 6.48 -6.96
CA TYR D 156 -24.27 6.54 -5.55
C TYR D 156 -23.96 7.90 -4.93
N MET D 157 -23.97 8.96 -5.72
CA MET D 157 -23.80 10.31 -5.24
C MET D 157 -24.94 11.15 -5.79
N PRO D 158 -26.14 11.01 -5.24
CA PRO D 158 -27.29 11.75 -5.79
C PRO D 158 -27.12 13.26 -5.73
N ASP D 159 -26.41 13.77 -4.72
CA ASP D 159 -26.24 15.21 -4.60
C ASP D 159 -25.41 15.79 -5.72
N VAL D 160 -24.60 14.96 -6.39
CA VAL D 160 -23.78 15.44 -7.49
C VAL D 160 -24.64 15.64 -8.72
N LYS D 161 -24.54 16.81 -9.34
CA LYS D 161 -25.23 17.13 -10.59
C LYS D 161 -24.19 17.47 -11.65
N THR D 162 -24.40 16.96 -12.86
CA THR D 162 -23.48 17.19 -13.96
C THR D 162 -24.25 17.46 -15.23
N ALA D 163 -23.81 18.47 -15.97
CA ALA D 163 -24.41 18.84 -17.24
C ALA D 163 -23.32 19.16 -18.25
N VAL D 164 -23.68 19.13 -19.53
CA VAL D 164 -22.75 19.38 -20.61
C VAL D 164 -23.31 20.46 -21.52
N PHE D 165 -22.40 21.09 -22.26
CA PHE D 165 -22.76 22.17 -23.18
C PHE D 165 -21.93 22.04 -24.44
N TYR D 166 -22.47 22.59 -25.53
CA TYR D 166 -21.80 22.51 -26.82
C TYR D 166 -22.36 23.60 -27.73
N GLY D 167 -21.63 23.88 -28.80
CA GLY D 167 -22.06 24.90 -29.75
C GLY D 167 -23.31 24.47 -30.48
N GLY D 168 -24.15 25.44 -30.83
CA GLY D 168 -25.42 25.19 -31.46
C GLY D 168 -26.56 24.88 -30.52
N THR D 169 -26.31 24.91 -29.22
CA THR D 169 -27.30 24.69 -28.19
C THR D 169 -27.94 26.01 -27.78
N PRO D 170 -29.24 26.04 -27.49
CA PRO D 170 -29.83 27.25 -26.93
C PRO D 170 -29.14 27.68 -25.65
N ILE D 171 -28.42 28.81 -25.72
CA ILE D 171 -27.66 29.27 -24.56
C ILE D 171 -28.58 29.64 -23.42
N SER D 172 -29.77 30.17 -23.72
CA SER D 172 -30.73 30.53 -22.68
C SER D 172 -31.15 29.30 -21.88
N LYS D 173 -31.37 28.18 -22.58
CA LYS D 173 -31.74 26.95 -21.88
C LYS D 173 -30.62 26.49 -20.95
N ASP D 174 -29.38 26.56 -21.42
CA ASP D 174 -28.24 26.16 -20.58
C ASP D 174 -28.13 27.05 -19.36
N ALA D 175 -28.33 28.37 -19.54
CA ALA D 175 -28.32 29.27 -18.40
C ALA D 175 -29.52 29.02 -17.49
N GLU D 176 -30.65 28.61 -18.07
CA GLU D 176 -31.86 28.40 -17.27
C GLU D 176 -31.66 27.29 -16.25
N LEU D 177 -31.13 26.14 -16.68
CA LEU D 177 -30.90 25.05 -15.75
C LEU D 177 -29.82 25.38 -14.75
N LEU D 178 -28.82 26.17 -15.16
CA LEU D 178 -27.78 26.60 -14.23
C LEU D 178 -28.35 27.50 -13.16
N LYS D 179 -29.28 28.39 -13.52
CA LYS D 179 -29.89 29.27 -12.54
C LYS D 179 -30.68 28.49 -11.51
N ASN D 180 -31.41 27.47 -11.94
CA ASN D 180 -32.20 26.67 -11.02
C ASN D 180 -31.30 25.96 -10.03
N LYS D 181 -31.65 26.05 -8.75
CA LYS D 181 -30.88 25.37 -7.71
C LYS D 181 -30.96 23.86 -7.87
N ASP D 182 -32.14 23.35 -8.24
CA ASP D 182 -32.31 21.91 -8.36
C ASP D 182 -31.45 21.33 -9.47
N THR D 183 -31.33 22.04 -10.58
CA THR D 183 -30.56 21.57 -11.73
C THR D 183 -29.19 22.24 -11.83
N ALA D 184 -28.68 22.78 -10.74
CA ALA D 184 -27.36 23.40 -10.77
C ALA D 184 -26.29 22.32 -10.84
N PRO D 185 -25.47 22.30 -11.89
CA PRO D 185 -24.47 21.22 -12.02
C PRO D 185 -23.18 21.54 -11.29
N HIS D 186 -22.70 20.58 -10.48
CA HIS D 186 -21.41 20.75 -9.83
C HIS D 186 -20.26 20.55 -10.80
N ILE D 187 -20.47 19.75 -11.85
CA ILE D 187 -19.45 19.46 -12.85
C ILE D 187 -20.02 19.83 -14.21
N VAL D 188 -19.23 20.57 -15.00
CA VAL D 188 -19.65 20.99 -16.33
C VAL D 188 -18.57 20.59 -17.33
N VAL D 189 -18.99 20.00 -18.43
CA VAL D 189 -18.11 19.66 -19.55
C VAL D 189 -18.67 20.36 -20.78
N ALA D 190 -17.85 21.18 -21.43
CA ALA D 190 -18.37 21.99 -22.53
C ALA D 190 -17.30 22.18 -23.58
N THR D 191 -17.76 22.51 -24.79
CA THR D 191 -16.88 22.91 -25.87
C THR D 191 -16.27 24.28 -25.56
N PRO D 192 -15.10 24.57 -26.11
CA PRO D 192 -14.51 25.90 -25.86
C PRO D 192 -15.38 27.05 -26.33
N GLY D 193 -16.08 26.87 -27.45
CA GLY D 193 -16.92 27.95 -27.95
C GLY D 193 -18.09 28.26 -27.05
N ARG D 194 -18.77 27.23 -26.55
CA ARG D 194 -19.94 27.46 -25.72
C ARG D 194 -19.54 27.95 -24.33
N LEU D 195 -18.50 27.35 -23.75
CA LEU D 195 -18.07 27.76 -22.41
C LEU D 195 -17.61 29.21 -22.40
N LYS D 196 -16.88 29.62 -23.42
CA LYS D 196 -16.42 31.01 -23.50
C LYS D 196 -17.59 31.98 -23.54
N ALA D 197 -18.61 31.66 -24.32
CA ALA D 197 -19.80 32.51 -24.38
C ALA D 197 -20.49 32.58 -23.01
N LEU D 198 -20.60 31.43 -22.34
CA LEU D 198 -21.24 31.41 -21.02
C LEU D 198 -20.44 32.23 -20.01
N VAL D 199 -19.12 32.10 -20.04
CA VAL D 199 -18.28 32.87 -19.12
C VAL D 199 -18.34 34.35 -19.45
N ARG D 200 -18.20 34.70 -20.73
CA ARG D 200 -18.18 36.10 -21.12
C ARG D 200 -19.52 36.78 -20.90
N GLU D 201 -20.59 36.01 -20.77
CA GLU D 201 -21.90 36.55 -20.41
C GLU D 201 -22.13 36.54 -18.90
N LYS D 202 -21.12 36.16 -18.12
CA LYS D 202 -21.21 36.10 -16.66
C LYS D 202 -22.32 35.17 -16.20
N TYR D 203 -22.61 34.14 -16.99
CA TYR D 203 -23.62 33.17 -16.61
C TYR D 203 -23.11 32.19 -15.55
N ILE D 204 -21.83 31.85 -15.59
CA ILE D 204 -21.24 30.88 -14.68
C ILE D 204 -20.23 31.60 -13.78
N ASP D 205 -20.37 31.39 -12.47
CA ASP D 205 -19.41 31.91 -11.51
C ASP D 205 -18.31 30.88 -11.32
N LEU D 206 -17.11 31.20 -11.80
CA LEU D 206 -15.98 30.28 -11.77
C LEU D 206 -15.08 30.49 -10.56
N SER D 207 -15.49 31.34 -9.61
CA SER D 207 -14.67 31.57 -8.43
C SER D 207 -14.50 30.33 -7.59
N HIS D 208 -15.37 29.33 -7.75
CA HIS D 208 -15.33 28.11 -6.97
C HIS D 208 -14.71 26.95 -7.72
N VAL D 209 -14.06 27.21 -8.86
CA VAL D 209 -13.42 26.14 -9.61
C VAL D 209 -12.24 25.62 -8.79
N LYS D 210 -12.18 24.31 -8.64
CA LYS D 210 -11.11 23.66 -7.87
C LYS D 210 -10.14 22.89 -8.76
N ASN D 211 -10.64 22.11 -9.71
CA ASN D 211 -9.80 21.33 -10.60
C ASN D 211 -10.12 21.69 -12.04
N PHE D 212 -9.08 21.93 -12.83
CA PHE D 212 -9.21 22.29 -14.23
C PHE D 212 -8.78 21.08 -15.06
N VAL D 213 -9.75 20.46 -15.74
CA VAL D 213 -9.51 19.22 -16.49
C VAL D 213 -9.62 19.53 -17.97
N ILE D 214 -8.62 19.10 -18.74
CA ILE D 214 -8.58 19.27 -20.18
C ILE D 214 -8.40 17.91 -20.83
N ASP D 215 -9.20 17.62 -21.84
CA ASP D 215 -9.08 16.39 -22.60
C ASP D 215 -8.55 16.73 -24.00
N GLU D 216 -7.49 16.04 -24.40
CA GLU D 216 -6.80 16.30 -25.66
C GLU D 216 -6.35 17.76 -25.72
N CYS D 217 -5.47 18.12 -24.78
CA CYS D 217 -5.01 19.49 -24.69
C CYS D 217 -4.24 19.90 -25.93
N ASP D 218 -3.45 18.99 -26.50
CA ASP D 218 -2.66 19.32 -27.67
C ASP D 218 -3.54 19.73 -28.84
N LYS D 219 -4.65 19.03 -29.05
CA LYS D 219 -5.55 19.39 -30.14
C LYS D 219 -6.17 20.77 -29.93
N VAL D 220 -6.62 21.04 -28.71
CA VAL D 220 -7.24 22.33 -28.43
C VAL D 220 -6.21 23.45 -28.45
N LEU D 221 -5.05 23.23 -27.83
CA LEU D 221 -4.01 24.24 -27.82
C LEU D 221 -3.41 24.47 -29.19
N GLU D 222 -3.52 23.49 -30.09
CA GLU D 222 -3.00 23.68 -31.44
C GLU D 222 -3.75 24.80 -32.17
N GLU D 223 -5.06 24.86 -31.99
CA GLU D 223 -5.86 25.92 -32.60
C GLU D 223 -5.70 27.20 -31.80
N LEU D 224 -5.20 28.25 -32.47
CA LEU D 224 -4.86 29.49 -31.76
C LEU D 224 -6.10 30.17 -31.20
N ASP D 225 -7.20 30.17 -31.96
CA ASP D 225 -8.43 30.78 -31.46
C ASP D 225 -8.92 30.09 -30.21
N MET D 226 -8.93 28.76 -30.21
CA MET D 226 -9.30 28.03 -29.01
C MET D 226 -8.22 28.14 -27.94
N ARG D 227 -6.96 28.31 -28.35
CA ARG D 227 -5.91 28.64 -27.40
C ARG D 227 -6.21 29.96 -26.71
N ARG D 228 -6.71 30.93 -27.46
CA ARG D 228 -7.17 32.18 -26.86
C ARG D 228 -8.34 31.93 -25.92
N ASP D 229 -9.28 31.08 -26.32
CA ASP D 229 -10.49 30.86 -25.54
C ASP D 229 -10.17 30.23 -24.19
N VAL D 230 -9.38 29.15 -24.19
CA VAL D 230 -9.05 28.49 -22.94
C VAL D 230 -8.22 29.41 -22.05
N GLN D 231 -7.36 30.23 -22.65
CA GLN D 231 -6.62 31.23 -21.87
C GLN D 231 -7.59 32.23 -21.25
N GLU D 232 -8.56 32.70 -22.03
CA GLU D 232 -9.54 33.65 -21.50
C GLU D 232 -10.39 33.01 -20.40
N ILE D 233 -10.83 31.77 -20.61
CA ILE D 233 -11.65 31.10 -19.62
C ILE D 233 -10.84 30.84 -18.36
N PHE D 234 -9.56 30.53 -18.52
CA PHE D 234 -8.70 30.30 -17.36
C PHE D 234 -8.58 31.55 -16.50
N ARG D 235 -8.70 32.74 -17.10
CA ARG D 235 -8.61 33.97 -16.32
C ARG D 235 -9.77 34.10 -15.35
N ALA D 236 -10.97 33.67 -15.76
CA ALA D 236 -12.13 33.77 -14.90
C ALA D 236 -12.05 32.85 -13.69
N THR D 237 -11.13 31.89 -13.70
CA THR D 237 -10.94 30.94 -12.62
C THR D 237 -9.78 31.38 -11.73
N PRO D 238 -9.87 31.08 -10.43
CA PRO D 238 -8.78 31.47 -9.52
C PRO D 238 -7.49 30.75 -9.87
N ARG D 239 -6.37 31.44 -9.64
CA ARG D 239 -5.07 30.84 -9.91
C ARG D 239 -4.81 29.64 -9.03
N ASP D 240 -5.18 29.73 -7.75
CA ASP D 240 -4.92 28.65 -6.81
C ASP D 240 -5.86 27.48 -7.04
N LYS D 241 -5.49 26.59 -7.95
CA LYS D 241 -6.33 25.44 -8.30
C LYS D 241 -5.46 24.39 -8.98
N GLN D 242 -6.08 23.23 -9.21
CA GLN D 242 -5.41 22.11 -9.86
C GLN D 242 -5.76 22.10 -11.34
N VAL D 243 -4.75 21.99 -12.20
CA VAL D 243 -4.94 21.95 -13.64
C VAL D 243 -4.34 20.65 -14.15
N MET D 244 -5.17 19.83 -14.79
CA MET D 244 -4.74 18.55 -15.34
C MET D 244 -5.26 18.39 -16.76
N MET D 245 -4.41 17.87 -17.64
CA MET D 245 -4.78 17.65 -19.03
C MET D 245 -4.26 16.30 -19.48
N PHE D 246 -4.99 15.69 -20.42
CA PHE D 246 -4.63 14.38 -20.93
C PHE D 246 -4.87 14.32 -22.42
N SER D 247 -4.06 13.52 -23.11
CA SER D 247 -4.19 13.32 -24.54
C SER D 247 -3.49 12.03 -24.92
N ALA D 248 -3.94 11.43 -26.03
CA ALA D 248 -3.29 10.21 -26.52
C ALA D 248 -1.86 10.50 -26.98
N THR D 249 -1.65 11.65 -27.63
CA THR D 249 -0.33 12.04 -28.09
C THR D 249 0.00 13.43 -27.57
N LEU D 250 1.24 13.60 -27.13
CA LEU D 250 1.71 14.88 -26.59
C LEU D 250 3.13 15.12 -27.10
N SER D 251 3.24 15.96 -28.13
CA SER D 251 4.53 16.26 -28.72
C SER D 251 5.33 17.21 -27.84
N GLN D 252 6.63 17.33 -28.16
CA GLN D 252 7.49 18.23 -27.39
C GLN D 252 7.16 19.69 -27.62
N GLU D 253 6.66 20.03 -28.82
CA GLU D 253 6.39 21.43 -29.13
C GLU D 253 5.27 21.99 -28.26
N ILE D 254 4.25 21.18 -27.96
CA ILE D 254 3.13 21.67 -27.16
C ILE D 254 3.44 21.71 -25.67
N ARG D 255 4.53 21.07 -25.24
CA ARG D 255 4.85 21.05 -23.82
C ARG D 255 5.11 22.43 -23.23
N PRO D 256 5.96 23.29 -23.81
CA PRO D 256 6.14 24.62 -23.22
C PRO D 256 4.87 25.44 -23.16
N ILE D 257 3.99 25.32 -24.16
CA ILE D 257 2.70 26.00 -24.10
C ILE D 257 1.89 25.47 -22.93
N CYS D 258 1.86 24.15 -22.76
CA CYS D 258 1.19 23.56 -21.61
C CYS D 258 1.85 23.99 -20.30
N ARG D 259 3.18 24.01 -20.27
CA ARG D 259 3.91 24.40 -19.07
C ARG D 259 3.78 25.89 -18.76
N ARG D 260 3.34 26.69 -19.73
CA ARG D 260 3.20 28.12 -19.47
C ARG D 260 2.19 28.40 -18.36
N PHE D 261 1.08 27.67 -18.37
CA PHE D 261 0.05 27.83 -17.35
C PHE D 261 0.10 26.73 -16.29
N LEU D 262 1.17 25.94 -16.26
CA LEU D 262 1.35 24.87 -15.29
C LEU D 262 2.52 25.19 -14.36
N GLN D 263 2.33 24.91 -13.08
CA GLN D 263 3.36 25.12 -12.07
C GLN D 263 3.61 23.82 -11.33
N ASN D 264 4.86 23.36 -11.34
CA ASN D 264 5.29 22.11 -10.70
C ASN D 264 4.45 20.93 -11.18
N PRO D 265 4.51 20.57 -12.45
CA PRO D 265 3.68 19.47 -12.95
C PRO D 265 4.40 18.13 -12.87
N LEU D 266 3.65 17.08 -13.19
CA LEU D 266 4.19 15.72 -13.34
C LEU D 266 4.00 15.32 -14.79
N GLU D 267 5.09 15.32 -15.56
CA GLU D 267 5.03 15.10 -17.00
C GLU D 267 5.29 13.64 -17.31
N ILE D 268 4.34 13.01 -18.01
CA ILE D 268 4.49 11.65 -18.52
C ILE D 268 4.15 11.69 -20.00
N PHE D 269 5.13 11.35 -20.85
CA PHE D 269 4.95 11.35 -22.30
C PHE D 269 5.27 9.96 -22.85
N VAL D 270 4.46 9.52 -23.80
CA VAL D 270 4.67 8.23 -24.43
C VAL D 270 5.69 8.36 -25.56
#